data_6EJJ
#
_entry.id   6EJJ
#
_cell.length_a   60.510
_cell.length_b   125.780
_cell.length_c   71.010
_cell.angle_alpha   90.00
_cell.angle_beta   90.28
_cell.angle_gamma   90.00
#
_symmetry.space_group_name_H-M   'P 1 21 1'
#
loop_
_entity.id
_entity.type
_entity.pdbx_description
1 polymer 'WlaC protein'
2 branched 2-acetamido-2-deoxy-alpha-D-galactopyranose-(1-4)-2-acetamido-2-deoxy-alpha-D-galactopyranose-(1-3)-2-acetamido-2-deoxy-alpha-D-glucopyranose
3 non-polymer "URIDINE-5'-DIPHOSPHATE"
4 non-polymer 'SODIUM ION'
5 non-polymer 'CHLORIDE ION'
6 non-polymer 'NerylNeryl pyrophosphate'
7 water water
#
_entity_poly.entity_id   1
_entity_poly.type   'polypeptide(L)'
_entity_poly.pdbx_seq_one_letter_code
;MMMKISFIIATLNSGGAERVLVTLANALCKEHEVSIIKFHTGESFYKLENEVKVTSLEQFRFDTLYHKIASRFKKFFALR
KALKESKADVFISFLDTTNIACILANIGLKTPLIISEHSNEAYLKPKTWRFLRRVSYPFCDALSVLGSSDKVYYERFVKR
VKLLLNPCHFSDEIPFDSSFEKENLVLFIGRLDHNKNPVMFLKAIAHLDKNLQENYKFVIAGDGELRQELEYKVKSLGIK
VDFLGRVENVKALYEKAKVLCLCSFVEGLPTVLIESLYFEVCRISSSYYNGAKDLIKDNHDGLLVGCDDEIALAKKLELV
LNDENFRKELVNNAKQRCKDFEISNIKEEWLKLIVEVKNALGSHHHHHHHHHH
;
_entity_poly.pdbx_strand_id   A,B
#
loop_
_chem_comp.id
_chem_comp.type
_chem_comp.name
_chem_comp.formula
A2G D-saccharide, alpha linking 2-acetamido-2-deoxy-alpha-D-galactopyranose 'C8 H15 N O6'
BUE non-polymer 'NerylNeryl pyrophosphate' 'C20 H36 O7 P2'
CL non-polymer 'CHLORIDE ION' 'Cl -1'
NA non-polymer 'SODIUM ION' 'Na 1'
NDG D-saccharide, alpha linking 2-acetamido-2-deoxy-alpha-D-glucopyranose 'C8 H15 N O6'
UDP RNA linking URIDINE-5'-DIPHOSPHATE 'C9 H14 N2 O12 P2'
#
# COMPACT_ATOMS: atom_id res chain seq x y z
N MET A 1 23.97 -12.58 34.63
CA MET A 1 24.72 -12.23 33.42
C MET A 1 23.93 -11.37 32.45
N MET A 2 24.29 -11.49 31.17
CA MET A 2 23.63 -10.76 30.10
C MET A 2 23.76 -11.58 28.82
N MET A 3 22.68 -11.63 28.05
CA MET A 3 22.66 -12.37 26.81
C MET A 3 22.29 -11.46 25.65
N LYS A 4 22.84 -11.76 24.48
CA LYS A 4 22.37 -11.20 23.24
C LYS A 4 21.19 -12.03 22.76
N ILE A 5 20.03 -11.39 22.61
CA ILE A 5 18.82 -12.05 22.16
C ILE A 5 18.40 -11.39 20.85
N SER A 6 18.24 -12.20 19.80
CA SER A 6 17.81 -11.70 18.50
C SER A 6 16.41 -12.23 18.22
N PHE A 7 15.46 -11.31 18.10
CA PHE A 7 14.12 -11.63 17.64
C PHE A 7 14.06 -11.55 16.12
N ILE A 8 13.37 -12.51 15.51
CA ILE A 8 13.14 -12.51 14.07
C ILE A 8 11.64 -12.46 13.84
N ILE A 9 11.20 -11.50 13.01
CA ILE A 9 9.78 -11.35 12.73
C ILE A 9 9.63 -10.73 11.34
N ALA A 10 8.53 -11.05 10.66
CA ALA A 10 8.35 -10.58 9.29
C ALA A 10 8.16 -9.06 9.26
N THR A 11 7.11 -8.56 9.89
CA THR A 11 6.82 -7.13 9.96
C THR A 11 6.72 -6.69 11.41
N LEU A 12 6.42 -5.41 11.61
CA LEU A 12 6.09 -4.87 12.93
C LEU A 12 4.90 -3.93 12.83
N ASN A 13 3.83 -4.39 12.17
CA ASN A 13 2.62 -3.62 12.01
C ASN A 13 1.63 -3.89 13.15
N SER A 14 0.51 -3.19 13.12
CA SER A 14 -0.43 -3.17 14.22
C SER A 14 -1.10 -4.53 14.42
N GLY A 15 -0.33 -5.52 14.84
CA GLY A 15 -0.86 -6.85 15.08
C GLY A 15 -0.53 -7.29 16.49
N GLY A 16 -1.06 -8.45 16.85
CA GLY A 16 -0.92 -9.01 18.17
C GLY A 16 0.44 -9.60 18.46
N ALA A 17 0.96 -10.38 17.51
CA ALA A 17 2.29 -10.96 17.69
C ALA A 17 3.34 -9.86 17.79
N GLU A 18 3.20 -8.81 16.96
CA GLU A 18 4.11 -7.67 17.03
C GLU A 18 4.01 -6.96 18.37
N ARG A 19 2.80 -6.82 18.91
CA ARG A 19 2.63 -6.13 20.19
C ARG A 19 3.34 -6.87 21.30
N VAL A 20 3.28 -8.20 21.28
CA VAL A 20 3.94 -9.01 22.31
C VAL A 20 5.46 -8.92 22.18
N LEU A 21 5.97 -8.94 20.95
CA LEU A 21 7.42 -8.91 20.75
C LEU A 21 8.00 -7.59 21.26
N VAL A 22 7.41 -6.47 20.86
CA VAL A 22 7.86 -5.18 21.35
C VAL A 22 7.75 -5.13 22.87
N THR A 23 6.67 -5.68 23.43
CA THR A 23 6.53 -5.72 24.88
C THR A 23 7.67 -6.51 25.53
N LEU A 24 7.99 -7.67 24.97
CA LEU A 24 9.09 -8.48 25.50
C LEU A 24 10.43 -7.80 25.31
N ALA A 25 10.73 -7.36 24.09
CA ALA A 25 12.00 -6.70 23.81
C ALA A 25 12.19 -5.50 24.73
N ASN A 26 11.18 -4.62 24.83
CA ASN A 26 11.28 -3.47 25.73
C ASN A 26 11.59 -3.88 27.16
N ALA A 27 11.05 -5.02 27.60
CA ALA A 27 11.30 -5.46 28.96
C ALA A 27 12.71 -6.04 29.11
N LEU A 28 13.13 -6.87 28.16
CA LEU A 28 14.45 -7.50 28.22
C LEU A 28 15.59 -6.53 27.91
N CYS A 29 15.31 -5.48 27.13
CA CYS A 29 16.38 -4.62 26.61
C CYS A 29 17.13 -3.88 27.69
N LYS A 30 16.63 -3.86 28.92
CA LYS A 30 17.33 -3.13 29.98
C LYS A 30 18.49 -3.96 30.53
N GLU A 31 18.27 -5.25 30.78
CA GLU A 31 19.26 -6.10 31.41
C GLU A 31 20.02 -6.97 30.40
N HIS A 32 19.51 -7.09 29.18
CA HIS A 32 20.17 -7.86 28.12
C HIS A 32 20.31 -6.98 26.89
N GLU A 33 20.92 -7.52 25.85
CA GLU A 33 21.17 -6.80 24.61
C GLU A 33 20.31 -7.45 23.54
N VAL A 34 19.20 -6.82 23.20
CA VAL A 34 18.22 -7.42 22.31
C VAL A 34 18.28 -6.70 20.98
N SER A 35 18.28 -7.48 19.90
CA SER A 35 18.19 -6.98 18.56
C SER A 35 16.95 -7.59 17.92
N ILE A 36 16.48 -6.96 16.86
CA ILE A 36 15.31 -7.45 16.12
C ILE A 36 15.65 -7.46 14.64
N ILE A 37 15.51 -8.61 14.02
CA ILE A 37 15.65 -8.77 12.57
C ILE A 37 14.25 -8.87 12.00
N LYS A 38 13.87 -7.93 11.14
CA LYS A 38 12.57 -7.95 10.50
C LYS A 38 12.71 -7.93 8.99
N PHE A 39 11.83 -8.69 8.32
CA PHE A 39 11.91 -8.83 6.87
C PHE A 39 11.43 -7.56 6.16
N HIS A 40 10.48 -6.87 6.75
CA HIS A 40 9.84 -5.72 6.14
C HIS A 40 10.61 -4.46 6.55
N THR A 41 10.91 -3.61 5.57
CA THR A 41 11.40 -2.30 5.93
C THR A 41 10.26 -1.47 6.51
N GLY A 42 10.61 -0.48 7.32
CA GLY A 42 9.61 0.40 7.85
C GLY A 42 9.67 0.46 9.35
N GLU A 43 9.10 1.51 9.95
CA GLU A 43 9.24 1.72 11.37
C GLU A 43 8.23 0.88 12.13
N SER A 44 8.63 0.43 13.32
CA SER A 44 7.73 -0.28 14.21
C SER A 44 6.51 0.56 14.55
N PHE A 45 5.34 -0.05 14.42
CA PHE A 45 4.08 0.60 14.81
C PHE A 45 4.05 0.90 16.31
N TYR A 46 4.67 0.05 17.12
CA TYR A 46 4.66 0.23 18.57
C TYR A 46 5.97 0.85 19.03
N LYS A 47 5.88 1.74 20.03
CA LYS A 47 7.06 2.43 20.53
C LYS A 47 8.04 1.43 21.12
N LEU A 48 9.27 1.48 20.61
CA LEU A 48 10.32 0.54 20.95
C LEU A 48 11.42 1.29 21.69
N GLU A 49 11.93 0.67 22.75
CA GLU A 49 12.96 1.31 23.56
C GLU A 49 14.23 1.52 22.74
N ASN A 50 14.93 2.63 23.00
CA ASN A 50 16.10 2.98 22.20
C ASN A 50 17.19 1.92 22.26
N GLU A 51 17.22 1.12 23.33
CA GLU A 51 18.30 0.16 23.51
C GLU A 51 18.17 -1.08 22.62
N VAL A 52 16.98 -1.37 22.10
CA VAL A 52 16.84 -2.51 21.20
C VAL A 52 17.19 -2.07 19.79
N LYS A 53 18.11 -2.81 19.16
CA LYS A 53 18.56 -2.55 17.81
C LYS A 53 17.68 -3.27 16.81
N VAL A 54 17.18 -2.54 15.81
CA VAL A 54 16.36 -3.13 14.76
C VAL A 54 17.13 -3.05 13.46
N THR A 55 17.19 -4.17 12.75
CA THR A 55 17.80 -4.26 11.44
C THR A 55 16.78 -4.85 10.49
N SER A 56 16.43 -4.10 9.45
CA SER A 56 15.56 -4.60 8.40
C SER A 56 16.39 -5.17 7.25
N LEU A 57 15.94 -6.29 6.69
CA LEU A 57 16.61 -6.91 5.57
C LEU A 57 16.53 -6.01 4.33
N GLU A 58 17.40 -6.30 3.35
CA GLU A 58 17.36 -5.64 2.05
C GLU A 58 15.96 -5.69 1.45
N GLN A 59 15.66 -4.71 0.61
CA GLN A 59 14.42 -4.69 -0.15
C GLN A 59 14.63 -5.30 -1.53
N PHE A 60 13.70 -6.14 -1.96
CA PHE A 60 13.87 -6.91 -3.17
C PHE A 60 12.65 -6.76 -4.08
N ARG A 61 12.90 -6.71 -5.39
CA ARG A 61 11.83 -6.64 -6.37
C ARG A 61 11.07 -7.96 -6.44
N PHE A 62 9.74 -7.86 -6.63
CA PHE A 62 8.89 -9.04 -6.82
C PHE A 62 7.99 -8.90 -8.04
N ASP A 63 8.33 -8.01 -8.98
CA ASP A 63 7.42 -7.71 -10.09
C ASP A 63 7.49 -8.72 -11.22
N THR A 64 8.63 -9.37 -11.45
CA THR A 64 8.81 -10.22 -12.61
C THR A 64 9.09 -11.65 -12.18
N LEU A 65 9.04 -12.56 -13.16
CA LEU A 65 9.25 -13.97 -12.84
C LEU A 65 10.65 -14.22 -12.30
N TYR A 66 11.67 -13.60 -12.91
CA TYR A 66 13.02 -13.80 -12.44
C TYR A 66 13.18 -13.33 -11.00
N HIS A 67 12.63 -12.15 -10.69
CA HIS A 67 12.76 -11.63 -9.33
C HIS A 67 11.90 -12.41 -8.34
N LYS A 68 10.67 -12.79 -8.73
CA LYS A 68 9.86 -13.61 -7.84
C LYS A 68 10.60 -14.86 -7.42
N ILE A 69 11.46 -15.39 -8.29
CA ILE A 69 12.29 -16.54 -7.96
C ILE A 69 13.57 -16.12 -7.27
N ALA A 70 14.29 -15.13 -7.84
CA ALA A 70 15.60 -14.76 -7.32
C ALA A 70 15.50 -14.11 -5.94
N SER A 71 14.52 -13.23 -5.74
CA SER A 71 14.38 -12.54 -4.45
C SER A 71 14.28 -13.52 -3.29
N ARG A 72 13.56 -14.64 -3.46
CA ARG A 72 13.42 -15.58 -2.35
C ARG A 72 14.75 -16.20 -1.98
N PHE A 73 15.55 -16.57 -2.98
CA PHE A 73 16.90 -17.06 -2.71
C PHE A 73 17.74 -15.97 -2.07
N LYS A 74 17.60 -14.74 -2.54
CA LYS A 74 18.36 -13.64 -1.97
C LYS A 74 17.90 -13.33 -0.56
N LYS A 75 16.59 -13.41 -0.32
CA LYS A 75 16.04 -13.21 1.03
C LYS A 75 16.61 -14.22 2.01
N PHE A 76 16.71 -15.48 1.60
CA PHE A 76 17.19 -16.53 2.52
C PHE A 76 18.62 -16.26 2.97
N PHE A 77 19.50 -15.93 2.01
CA PHE A 77 20.90 -15.74 2.36
C PHE A 77 21.15 -14.42 3.08
N ALA A 78 20.30 -13.42 2.86
CA ALA A 78 20.39 -12.20 3.67
C ALA A 78 19.96 -12.47 5.11
N LEU A 79 19.00 -13.36 5.31
CA LEU A 79 18.60 -13.74 6.67
C LEU A 79 19.68 -14.57 7.35
N ARG A 80 20.24 -15.54 6.64
CA ARG A 80 21.39 -16.29 7.17
C ARG A 80 22.55 -15.35 7.48
N LYS A 81 22.71 -14.32 6.66
CA LYS A 81 23.74 -13.31 6.90
C LYS A 81 23.47 -12.54 8.18
N ALA A 82 22.24 -12.07 8.36
CA ALA A 82 21.90 -11.28 9.54
C ALA A 82 22.06 -12.10 10.81
N LEU A 83 21.72 -13.39 10.74
CA LEU A 83 21.83 -14.26 11.92
C LEU A 83 23.28 -14.40 12.37
N LYS A 84 24.22 -14.50 11.43
CA LYS A 84 25.63 -14.64 11.77
C LYS A 84 26.17 -13.38 12.45
N GLU A 85 25.92 -12.21 11.86
CA GLU A 85 26.41 -10.95 12.42
C GLU A 85 25.80 -10.61 13.77
N SER A 86 24.62 -11.15 14.09
CA SER A 86 23.96 -10.78 15.33
C SER A 86 24.69 -11.33 16.55
N LYS A 87 25.48 -12.40 16.38
CA LYS A 87 26.35 -12.93 17.43
C LYS A 87 25.56 -13.27 18.69
N ALA A 88 24.33 -13.76 18.49
CA ALA A 88 23.37 -13.87 19.58
C ALA A 88 23.56 -15.17 20.37
N ASP A 89 23.21 -15.10 21.65
CA ASP A 89 23.14 -16.29 22.48
C ASP A 89 21.95 -17.16 22.10
N VAL A 90 20.84 -16.54 21.69
CA VAL A 90 19.60 -17.25 21.37
C VAL A 90 18.87 -16.47 20.28
N PHE A 91 18.14 -17.21 19.43
CA PHE A 91 17.24 -16.64 18.44
C PHE A 91 15.81 -16.96 18.83
N ILE A 92 14.93 -15.96 18.75
CA ILE A 92 13.51 -16.13 19.01
C ILE A 92 12.75 -15.64 17.78
N SER A 93 12.09 -16.56 17.09
CA SER A 93 11.40 -16.33 15.84
C SER A 93 9.89 -16.35 16.06
N PHE A 94 9.14 -15.62 15.24
CA PHE A 94 7.72 -15.37 15.48
C PHE A 94 6.87 -15.68 14.25
N LEU A 95 5.79 -16.43 14.47
CA LEU A 95 4.76 -16.78 13.47
C LEU A 95 5.23 -17.82 12.45
N ASP A 96 4.27 -18.60 11.94
CA ASP A 96 4.47 -19.86 11.21
C ASP A 96 5.57 -19.81 10.14
N THR A 97 5.36 -19.08 9.05
CA THR A 97 6.31 -19.15 7.94
C THR A 97 7.69 -18.64 8.33
N THR A 98 7.76 -17.67 9.24
CA THR A 98 9.06 -17.18 9.69
C THR A 98 9.78 -18.19 10.57
N ASN A 99 9.04 -18.99 11.35
CA ASN A 99 9.66 -20.08 12.10
C ASN A 99 10.36 -21.07 11.18
N ILE A 100 9.70 -21.47 10.09
CA ILE A 100 10.31 -22.44 9.18
C ILE A 100 11.56 -21.86 8.54
N ALA A 101 11.48 -20.60 8.08
CA ALA A 101 12.64 -19.96 7.47
C ALA A 101 13.82 -19.92 8.43
N CYS A 102 13.57 -19.58 9.70
CA CYS A 102 14.65 -19.58 10.69
C CYS A 102 15.18 -20.99 10.94
N ILE A 103 14.32 -22.01 10.90
CA ILE A 103 14.79 -23.38 11.07
C ILE A 103 15.85 -23.69 10.02
N LEU A 104 15.54 -23.36 8.75
CA LEU A 104 16.48 -23.61 7.66
C LEU A 104 17.68 -22.67 7.73
N ALA A 105 17.43 -21.36 7.84
CA ALA A 105 18.53 -20.40 7.85
C ALA A 105 19.49 -20.64 9.00
N ASN A 106 19.00 -21.17 10.12
CA ASN A 106 19.84 -21.42 11.27
C ASN A 106 20.63 -22.72 11.15
N ILE A 107 20.31 -23.56 10.17
CA ILE A 107 21.07 -24.79 9.95
C ILE A 107 22.54 -24.43 9.79
N GLY A 108 23.40 -25.07 10.57
CA GLY A 108 24.81 -24.77 10.50
C GLY A 108 25.29 -23.87 11.62
N LEU A 109 24.58 -22.77 11.86
CA LEU A 109 24.94 -21.86 12.94
C LEU A 109 24.75 -22.54 14.31
N LYS A 110 25.61 -22.18 15.25
CA LYS A 110 25.70 -22.83 16.55
C LYS A 110 24.89 -22.12 17.63
N THR A 111 23.83 -21.41 17.25
CA THR A 111 23.02 -20.81 18.31
C THR A 111 21.65 -21.49 18.39
N PRO A 112 21.14 -21.73 19.59
CA PRO A 112 19.78 -22.28 19.72
C PRO A 112 18.73 -21.31 19.22
N LEU A 113 17.62 -21.85 18.75
CA LEU A 113 16.53 -21.08 18.16
C LEU A 113 15.22 -21.47 18.82
N ILE A 114 14.47 -20.47 19.30
CA ILE A 114 13.16 -20.69 19.89
C ILE A 114 12.12 -20.11 18.94
N ILE A 115 11.19 -20.96 18.51
CA ILE A 115 10.11 -20.54 17.65
C ILE A 115 8.88 -20.35 18.51
N SER A 116 7.94 -19.52 18.04
CA SER A 116 6.73 -19.22 18.80
C SER A 116 5.54 -19.12 17.86
N GLU A 117 4.47 -19.85 18.17
CA GLU A 117 3.21 -19.81 17.45
C GLU A 117 2.24 -18.88 18.17
N HIS A 118 1.34 -18.25 17.42
CA HIS A 118 0.51 -17.22 18.04
C HIS A 118 -0.98 -17.36 17.77
N SER A 119 -1.35 -17.98 16.67
CA SER A 119 -2.75 -18.33 16.55
C SER A 119 -2.94 -19.76 17.04
N ASN A 120 -4.15 -20.28 16.91
CA ASN A 120 -4.35 -21.69 17.19
C ASN A 120 -3.60 -22.52 16.16
N GLU A 121 -3.43 -23.80 16.46
CA GLU A 121 -2.87 -24.74 15.47
C GLU A 121 -3.66 -24.67 14.16
N ALA A 122 -4.98 -24.54 14.26
CA ALA A 122 -5.88 -24.67 13.11
C ALA A 122 -5.93 -23.44 12.22
N TYR A 123 -5.38 -22.30 12.65
CA TYR A 123 -5.43 -21.11 11.81
C TYR A 123 -4.63 -21.29 10.52
N LEU A 124 -3.56 -22.08 10.55
CA LEU A 124 -2.82 -22.41 9.35
C LEU A 124 -3.58 -23.48 8.58
N LYS A 125 -4.18 -23.10 7.45
CA LYS A 125 -5.08 -23.98 6.73
C LYS A 125 -4.44 -24.70 5.53
N PRO A 126 -3.59 -24.05 4.72
CA PRO A 126 -3.06 -24.73 3.53
C PRO A 126 -2.41 -26.07 3.85
N LYS A 127 -2.76 -27.08 3.05
CA LYS A 127 -2.26 -28.44 3.28
C LYS A 127 -0.73 -28.50 3.24
N THR A 128 -0.11 -27.69 2.38
CA THR A 128 1.33 -27.78 2.18
C THR A 128 2.09 -27.16 3.34
N TRP A 129 1.63 -26.01 3.84
CA TRP A 129 2.30 -25.34 4.95
C TRP A 129 2.17 -26.14 6.23
N ARG A 130 1.02 -26.80 6.42
CA ARG A 130 0.86 -27.68 7.58
C ARG A 130 1.90 -28.80 7.57
N PHE A 131 2.29 -29.25 6.37
CA PHE A 131 3.30 -30.29 6.25
C PHE A 131 4.69 -29.75 6.58
N LEU A 132 5.09 -28.63 5.96
CA LEU A 132 6.41 -28.07 6.24
C LEU A 132 6.56 -27.70 7.71
N ARG A 133 5.48 -27.24 8.34
CA ARG A 133 5.49 -27.03 9.78
C ARG A 133 5.74 -28.33 10.54
N ARG A 134 5.24 -29.45 10.01
CA ARG A 134 5.39 -30.72 10.70
C ARG A 134 6.80 -31.28 10.58
N VAL A 135 7.43 -31.15 9.42
CA VAL A 135 8.77 -31.71 9.27
C VAL A 135 9.83 -30.79 9.87
N SER A 136 9.60 -29.48 9.89
CA SER A 136 10.65 -28.54 10.25
C SER A 136 10.64 -28.18 11.74
N TYR A 137 9.45 -28.04 12.34
CA TYR A 137 9.38 -27.70 13.75
C TYR A 137 10.11 -28.68 14.69
N PRO A 138 10.27 -29.97 14.40
CA PRO A 138 11.08 -30.81 15.30
C PRO A 138 12.53 -30.36 15.40
N PHE A 139 13.00 -29.54 14.47
CA PHE A 139 14.39 -29.11 14.44
C PHE A 139 14.61 -27.79 15.19
N CYS A 140 13.59 -27.30 15.90
CA CYS A 140 13.79 -26.15 16.77
C CYS A 140 14.34 -26.61 18.11
N ASP A 141 14.78 -25.65 18.91
CA ASP A 141 15.28 -25.94 20.23
C ASP A 141 14.21 -25.82 21.30
N ALA A 142 13.20 -24.99 21.07
CA ALA A 142 12.01 -24.97 21.90
C ALA A 142 10.91 -24.28 21.12
N LEU A 143 9.68 -24.46 21.59
CA LEU A 143 8.50 -23.89 20.95
C LEU A 143 7.63 -23.25 22.03
N SER A 144 7.34 -21.96 21.85
CA SER A 144 6.41 -21.25 22.72
C SER A 144 5.01 -21.27 22.12
N VAL A 145 4.02 -21.68 22.92
CA VAL A 145 2.62 -21.69 22.50
C VAL A 145 1.79 -20.92 23.51
N LEU A 146 0.55 -20.61 23.12
CA LEU A 146 -0.32 -19.73 23.87
C LEU A 146 -1.43 -20.46 24.63
N GLY A 147 -1.82 -21.66 24.21
CA GLY A 147 -2.91 -22.36 24.85
C GLY A 147 -2.60 -23.83 25.04
N SER A 148 -3.38 -24.45 25.94
CA SER A 148 -3.13 -25.83 26.30
C SER A 148 -3.47 -26.79 25.16
N SER A 149 -4.43 -26.44 24.31
CA SER A 149 -4.73 -27.29 23.17
C SER A 149 -3.57 -27.33 22.20
N ASP A 150 -2.93 -26.18 21.95
CA ASP A 150 -1.78 -26.15 21.06
C ASP A 150 -0.58 -26.87 21.68
N LYS A 151 -0.44 -26.80 23.01
CA LYS A 151 0.64 -27.52 23.68
C LYS A 151 0.51 -29.03 23.46
N VAL A 152 -0.71 -29.56 23.57
CA VAL A 152 -0.94 -30.98 23.40
C VAL A 152 -0.71 -31.39 21.95
N TYR A 153 -1.09 -30.54 21.00
CA TYR A 153 -0.89 -30.86 19.58
C TYR A 153 0.59 -30.94 19.23
N TYR A 154 1.39 -29.95 19.66
CA TYR A 154 2.79 -29.88 19.24
C TYR A 154 3.70 -30.78 20.07
N GLU A 155 3.36 -31.04 21.33
CA GLU A 155 4.22 -31.84 22.19
C GLU A 155 4.51 -33.23 21.62
N ARG A 156 3.65 -33.76 20.75
CA ARG A 156 3.87 -35.12 20.27
C ARG A 156 4.97 -35.21 19.23
N PHE A 157 5.35 -34.10 18.59
CA PHE A 157 6.46 -34.13 17.63
C PHE A 157 7.46 -33.00 17.85
N VAL A 158 7.30 -32.21 18.91
CA VAL A 158 8.30 -31.25 19.35
C VAL A 158 8.63 -31.58 20.80
N LYS A 159 9.92 -31.66 21.12
CA LYS A 159 10.31 -32.17 22.42
C LYS A 159 10.07 -31.14 23.52
N ARG A 160 10.53 -29.90 23.35
CA ARG A 160 10.37 -28.85 24.36
C ARG A 160 9.33 -27.84 23.89
N VAL A 161 8.14 -27.91 24.48
CA VAL A 161 7.06 -26.95 24.22
C VAL A 161 6.66 -26.34 25.55
N LYS A 162 6.61 -25.01 25.60
CA LYS A 162 6.25 -24.30 26.81
C LYS A 162 5.10 -23.35 26.50
N LEU A 163 4.16 -23.25 27.44
CA LEU A 163 3.01 -22.37 27.29
C LEU A 163 3.32 -21.07 28.01
N LEU A 164 3.40 -19.98 27.24
CA LEU A 164 3.80 -18.66 27.75
C LEU A 164 2.72 -17.67 27.35
N LEU A 165 2.03 -17.12 28.34
CA LEU A 165 0.93 -16.20 28.08
C LEU A 165 1.45 -14.89 27.49
N ASN A 166 0.54 -14.18 26.84
CA ASN A 166 0.91 -12.88 26.27
C ASN A 166 1.08 -11.86 27.40
N PRO A 167 2.16 -11.09 27.39
CA PRO A 167 2.29 -10.04 28.41
C PRO A 167 1.72 -8.73 27.88
N CYS A 168 1.01 -8.02 28.76
CA CYS A 168 0.39 -6.76 28.41
C CYS A 168 1.24 -5.62 28.95
N HIS A 169 1.69 -4.75 28.04
CA HIS A 169 2.50 -3.61 28.44
C HIS A 169 1.70 -2.59 29.26
N PHE A 170 0.39 -2.63 29.18
CA PHE A 170 -0.41 -1.73 30.00
C PHE A 170 -0.33 -2.07 31.48
N SER A 171 0.13 -3.28 31.82
CA SER A 171 0.27 -3.65 33.21
C SER A 171 1.35 -2.84 33.91
N ASP A 172 2.20 -2.15 33.17
CA ASP A 172 3.18 -1.23 33.73
C ASP A 172 2.63 0.20 33.82
N GLU A 173 2.07 0.72 32.73
CA GLU A 173 1.54 2.08 32.72
C GLU A 173 0.38 2.25 33.70
N ILE A 174 -0.73 1.56 33.43
CA ILE A 174 -2.00 1.81 34.12
C ILE A 174 -1.94 1.27 35.54
N PRO A 175 -2.02 2.13 36.56
CA PRO A 175 -2.09 1.63 37.93
C PRO A 175 -3.40 0.90 38.20
N PHE A 176 -3.31 -0.17 38.99
CA PHE A 176 -4.46 -1.00 39.36
C PHE A 176 -5.18 -0.33 40.54
N ASP A 177 -5.96 0.71 40.22
CA ASP A 177 -6.69 1.49 41.21
C ASP A 177 -7.42 2.64 40.53
N SER A 178 -7.19 2.81 39.23
CA SER A 178 -7.64 4.02 38.55
C SER A 178 -9.13 3.99 38.28
N SER A 179 -9.76 5.14 38.46
CA SER A 179 -11.17 5.31 38.14
C SER A 179 -11.23 5.79 36.69
N PHE A 180 -12.30 5.41 36.00
CA PHE A 180 -12.48 5.76 34.60
C PHE A 180 -13.79 6.48 34.43
N GLU A 181 -13.78 7.50 33.57
CA GLU A 181 -14.95 8.31 33.27
C GLU A 181 -15.43 7.82 31.90
N LYS A 182 -16.27 6.81 31.89
CA LYS A 182 -16.65 6.16 30.64
C LYS A 182 -17.65 6.99 29.86
N GLU A 183 -17.53 6.92 28.54
CA GLU A 183 -18.44 7.54 27.60
C GLU A 183 -19.26 6.46 26.91
N ASN A 184 -20.30 6.90 26.19
CA ASN A 184 -21.12 5.97 25.42
C ASN A 184 -20.35 5.59 24.16
N LEU A 185 -19.37 4.69 24.34
CA LEU A 185 -18.45 4.26 23.30
C LEU A 185 -18.34 2.73 23.32
N VAL A 186 -18.35 2.12 22.14
CA VAL A 186 -18.19 0.68 21.98
C VAL A 186 -17.11 0.42 20.94
N LEU A 187 -16.12 -0.41 21.30
CA LEU A 187 -14.94 -0.64 20.49
C LEU A 187 -14.99 -1.99 19.78
N PHE A 188 -14.53 -2.01 18.55
CA PHE A 188 -14.05 -3.22 17.88
C PHE A 188 -12.65 -2.89 17.40
N ILE A 189 -11.65 -3.49 18.05
CA ILE A 189 -10.25 -3.28 17.70
C ILE A 189 -9.74 -4.57 17.07
N GLY A 190 -9.31 -4.49 15.82
CA GLY A 190 -8.72 -5.66 15.19
C GLY A 190 -8.59 -5.49 13.69
N ARG A 191 -7.85 -6.43 13.11
CA ARG A 191 -7.65 -6.51 11.67
C ARG A 191 -8.97 -6.74 10.94
N LEU A 192 -9.12 -6.10 9.79
CA LEU A 192 -10.36 -6.21 9.01
C LEU A 192 -10.21 -7.27 7.92
N ASP A 193 -10.08 -8.52 8.37
CA ASP A 193 -10.06 -9.66 7.46
C ASP A 193 -11.19 -10.62 7.85
N HIS A 194 -11.32 -11.71 7.10
CA HIS A 194 -12.47 -12.59 7.24
C HIS A 194 -12.55 -13.23 8.63
N ASN A 195 -11.42 -13.65 9.18
CA ASN A 195 -11.48 -14.42 10.41
C ASN A 195 -11.83 -13.56 11.60
N LYS A 196 -11.39 -12.30 11.62
CA LYS A 196 -11.79 -11.38 12.66
C LYS A 196 -13.29 -11.12 12.63
N ASN A 197 -13.91 -11.34 11.48
CA ASN A 197 -15.35 -11.26 11.26
C ASN A 197 -15.91 -9.95 11.79
N PRO A 198 -15.53 -8.80 11.21
CA PRO A 198 -16.08 -7.52 11.66
C PRO A 198 -17.48 -7.24 11.16
N VAL A 199 -17.96 -8.00 10.16
CA VAL A 199 -19.32 -7.81 9.67
C VAL A 199 -20.33 -8.17 10.76
N MET A 200 -20.04 -9.20 11.55
CA MET A 200 -20.87 -9.53 12.71
C MET A 200 -21.02 -8.34 13.65
N PHE A 201 -19.96 -7.55 13.82
CA PHE A 201 -20.06 -6.34 14.64
C PHE A 201 -21.09 -5.38 14.06
N LEU A 202 -21.05 -5.18 12.73
CA LEU A 202 -21.97 -4.24 12.10
C LEU A 202 -23.41 -4.71 12.20
N LYS A 203 -23.69 -5.98 11.85
CA LYS A 203 -25.06 -6.45 11.89
C LYS A 203 -25.61 -6.42 13.30
N ALA A 204 -24.76 -6.58 14.31
CA ALA A 204 -25.24 -6.52 15.68
C ALA A 204 -25.59 -5.10 16.10
N ILE A 205 -24.88 -4.10 15.56
CA ILE A 205 -25.23 -2.70 15.83
C ILE A 205 -26.58 -2.37 15.23
N ALA A 206 -26.85 -2.87 14.03
CA ALA A 206 -28.11 -2.56 13.36
C ALA A 206 -29.32 -3.08 14.13
N HIS A 207 -29.13 -4.13 14.93
CA HIS A 207 -30.18 -4.71 15.73
C HIS A 207 -30.28 -4.11 17.13
N LEU A 208 -29.54 -3.04 17.42
CA LEU A 208 -29.65 -2.37 18.72
C LEU A 208 -30.83 -1.40 18.73
N ASP A 209 -31.34 -1.14 19.93
CA ASP A 209 -32.44 -0.20 20.12
C ASP A 209 -32.09 1.15 19.49
N LYS A 210 -33.11 1.84 18.99
CA LYS A 210 -32.88 3.14 18.37
C LYS A 210 -32.30 4.14 19.37
N ASN A 211 -32.65 4.00 20.65
CA ASN A 211 -32.07 4.88 21.67
C ASN A 211 -30.56 4.64 21.83
N LEU A 212 -30.12 3.38 21.77
CA LEU A 212 -28.70 3.11 21.94
C LEU A 212 -27.89 3.60 20.75
N GLN A 213 -28.31 3.26 19.53
CA GLN A 213 -27.61 3.75 18.35
C GLN A 213 -27.56 5.28 18.30
N GLU A 214 -28.63 5.93 18.76
CA GLU A 214 -28.69 7.39 18.68
C GLU A 214 -27.75 8.06 19.68
N ASN A 215 -27.37 7.36 20.74
CA ASN A 215 -26.61 7.97 21.84
C ASN A 215 -25.29 7.25 22.11
N TYR A 216 -24.85 6.38 21.22
CA TYR A 216 -23.58 5.70 21.37
C TYR A 216 -22.76 5.90 20.11
N LYS A 217 -21.44 5.94 20.27
CA LYS A 217 -20.52 6.04 19.15
C LYS A 217 -19.79 4.72 19.03
N PHE A 218 -19.86 4.11 17.86
CA PHE A 218 -19.28 2.80 17.59
C PHE A 218 -18.11 3.00 16.64
N VAL A 219 -16.93 2.56 17.06
CA VAL A 219 -15.73 2.80 16.27
C VAL A 219 -15.05 1.46 15.99
N ILE A 220 -14.34 1.39 14.87
CA ILE A 220 -13.57 0.23 14.48
C ILE A 220 -12.12 0.67 14.34
N ALA A 221 -11.27 0.23 15.27
CA ALA A 221 -9.84 0.49 15.19
C ALA A 221 -9.18 -0.71 14.52
N GLY A 222 -8.38 -0.44 13.49
CA GLY A 222 -7.72 -1.46 12.72
C GLY A 222 -7.97 -1.27 11.23
N ASP A 223 -7.24 -2.06 10.45
CA ASP A 223 -7.41 -2.04 9.01
C ASP A 223 -7.16 -3.44 8.44
N GLY A 224 -7.52 -3.61 7.18
CA GLY A 224 -7.42 -4.90 6.53
C GLY A 224 -8.13 -4.88 5.20
N GLU A 225 -8.11 -6.04 4.54
CA GLU A 225 -8.67 -6.15 3.19
C GLU A 225 -10.13 -5.74 3.13
N LEU A 226 -10.89 -6.02 4.19
CA LEU A 226 -12.34 -5.80 4.18
C LEU A 226 -12.74 -4.36 4.46
N ARG A 227 -11.79 -3.43 4.55
CA ARG A 227 -12.12 -2.05 4.93
C ARG A 227 -13.21 -1.46 4.05
N GLN A 228 -13.05 -1.53 2.73
CA GLN A 228 -14.00 -0.83 1.87
C GLN A 228 -15.35 -1.54 1.82
N GLU A 229 -15.36 -2.88 1.88
CA GLU A 229 -16.63 -3.59 1.94
C GLU A 229 -17.42 -3.20 3.18
N LEU A 230 -16.74 -3.06 4.33
CA LEU A 230 -17.42 -2.70 5.57
C LEU A 230 -17.98 -1.27 5.51
N GLU A 231 -17.22 -0.35 4.91
CA GLU A 231 -17.71 1.01 4.73
C GLU A 231 -19.04 1.03 3.98
N TYR A 232 -19.25 0.07 3.09
CA TYR A 232 -20.47 0.05 2.30
C TYR A 232 -21.60 -0.68 2.99
N LYS A 233 -21.29 -1.69 3.83
CA LYS A 233 -22.34 -2.28 4.67
C LYS A 233 -22.81 -1.32 5.76
N VAL A 234 -21.97 -0.38 6.17
CA VAL A 234 -22.43 0.64 7.11
C VAL A 234 -23.51 1.50 6.47
N LYS A 235 -23.38 1.77 5.16
CA LYS A 235 -24.42 2.52 4.48
C LYS A 235 -25.58 1.62 4.08
N SER A 236 -25.30 0.39 3.66
CA SER A 236 -26.35 -0.58 3.36
C SER A 236 -27.24 -0.83 4.57
N LEU A 237 -26.66 -0.89 5.77
CA LEU A 237 -27.43 -1.04 6.99
C LEU A 237 -27.88 0.28 7.59
N GLY A 238 -27.33 1.40 7.13
CA GLY A 238 -27.68 2.71 7.64
C GLY A 238 -27.40 2.91 9.11
N ILE A 239 -26.16 2.67 9.53
CA ILE A 239 -25.72 2.88 10.90
C ILE A 239 -24.57 3.87 10.89
N LYS A 240 -24.16 4.30 12.08
CA LYS A 240 -23.06 5.24 12.25
C LYS A 240 -21.90 4.52 12.93
N VAL A 241 -20.86 4.22 12.16
CA VAL A 241 -19.64 3.59 12.65
C VAL A 241 -18.46 4.42 12.20
N ASP A 242 -17.48 4.60 13.10
CA ASP A 242 -16.31 5.44 12.84
C ASP A 242 -15.11 4.53 12.57
N PHE A 243 -14.68 4.47 11.31
CA PHE A 243 -13.45 3.77 10.98
C PHE A 243 -12.28 4.68 11.28
N LEU A 244 -11.32 4.18 12.06
CA LEU A 244 -10.16 4.97 12.47
C LEU A 244 -8.85 4.50 11.84
N GLY A 245 -8.90 3.49 10.98
CA GLY A 245 -7.64 2.93 10.49
C GLY A 245 -6.85 2.31 11.63
N ARG A 246 -5.53 2.27 11.47
CA ARG A 246 -4.66 1.82 12.56
C ARG A 246 -4.41 2.97 13.53
N VAL A 247 -4.51 2.67 14.82
CA VAL A 247 -4.47 3.69 15.86
C VAL A 247 -3.34 3.37 16.83
N GLU A 248 -2.49 4.38 17.08
CA GLU A 248 -1.41 4.24 18.06
C GLU A 248 -1.92 4.33 19.47
N ASN A 249 -2.73 5.35 19.74
CA ASN A 249 -3.16 5.63 21.10
C ASN A 249 -4.48 4.89 21.30
N VAL A 250 -4.36 3.58 21.47
CA VAL A 250 -5.50 2.79 21.90
C VAL A 250 -5.76 2.97 23.39
N LYS A 251 -4.79 3.53 24.12
CA LYS A 251 -5.02 3.84 25.52
C LYS A 251 -6.17 4.81 25.68
N ALA A 252 -6.25 5.82 24.81
CA ALA A 252 -7.37 6.77 24.84
C ALA A 252 -8.69 6.07 24.58
N LEU A 253 -8.74 5.19 23.57
CA LEU A 253 -9.99 4.47 23.28
C LEU A 253 -10.37 3.55 24.42
N TYR A 254 -9.41 2.77 24.93
CA TYR A 254 -9.70 1.91 26.07
C TYR A 254 -10.09 2.72 27.30
N GLU A 255 -9.61 3.96 27.40
CA GLU A 255 -9.91 4.76 28.58
C GLU A 255 -11.37 5.20 28.62
N LYS A 256 -11.95 5.52 27.45
CA LYS A 256 -13.32 6.02 27.38
C LYS A 256 -14.36 4.93 27.10
N ALA A 257 -13.94 3.76 26.64
CA ALA A 257 -14.89 2.77 26.12
C ALA A 257 -15.55 1.99 27.24
N LYS A 258 -16.82 1.63 27.02
CA LYS A 258 -17.55 0.82 27.97
C LYS A 258 -17.51 -0.67 27.64
N VAL A 259 -17.43 -1.00 26.35
CA VAL A 259 -17.51 -2.37 25.86
C VAL A 259 -16.54 -2.53 24.70
N LEU A 260 -15.91 -3.71 24.62
CA LEU A 260 -15.12 -4.10 23.46
C LEU A 260 -15.66 -5.45 22.98
N CYS A 261 -15.88 -5.56 21.68
CA CYS A 261 -16.46 -6.75 21.08
C CYS A 261 -15.43 -7.44 20.20
N LEU A 262 -15.22 -8.73 20.45
CA LEU A 262 -14.42 -9.60 19.60
C LEU A 262 -15.33 -10.62 18.95
N CYS A 263 -15.18 -10.82 17.64
CA CYS A 263 -16.11 -11.64 16.89
C CYS A 263 -15.44 -12.75 16.10
N SER A 264 -14.18 -13.06 16.39
CA SER A 264 -13.38 -13.94 15.55
C SER A 264 -13.86 -15.39 15.62
N PHE A 265 -13.55 -16.14 14.57
CA PHE A 265 -13.84 -17.57 14.54
C PHE A 265 -12.73 -18.37 15.22
N VAL A 266 -11.47 -18.09 14.87
CA VAL A 266 -10.31 -18.80 15.40
C VAL A 266 -9.35 -17.79 16.00
N GLU A 267 -8.87 -18.06 17.20
CA GLU A 267 -7.92 -17.18 17.88
C GLU A 267 -7.09 -17.99 18.85
N GLY A 268 -5.86 -17.52 19.09
CA GLY A 268 -5.01 -18.08 20.10
C GLY A 268 -5.34 -17.53 21.47
N LEU A 269 -4.82 -16.35 21.77
CA LEU A 269 -5.08 -15.68 23.05
C LEU A 269 -5.13 -14.17 22.78
N PRO A 270 -6.30 -13.65 22.39
CA PRO A 270 -6.37 -12.29 21.85
C PRO A 270 -5.95 -11.24 22.87
N THR A 271 -5.01 -10.38 22.47
CA THR A 271 -4.53 -9.36 23.38
C THR A 271 -5.55 -8.24 23.61
N VAL A 272 -6.50 -8.03 22.70
CA VAL A 272 -7.52 -7.01 22.96
C VAL A 272 -8.40 -7.43 24.15
N LEU A 273 -8.60 -8.74 24.34
CA LEU A 273 -9.31 -9.21 25.51
C LEU A 273 -8.45 -9.18 26.77
N ILE A 274 -7.15 -8.97 26.64
CA ILE A 274 -6.26 -8.79 27.79
C ILE A 274 -6.07 -7.32 28.13
N GLU A 275 -5.74 -6.50 27.12
CA GLU A 275 -5.57 -5.07 27.32
C GLU A 275 -6.80 -4.45 27.97
N SER A 276 -7.99 -4.90 27.57
CA SER A 276 -9.22 -4.36 28.12
C SER A 276 -9.28 -4.46 29.63
N LEU A 277 -8.64 -5.50 30.21
CA LEU A 277 -8.74 -5.74 31.65
C LEU A 277 -8.23 -4.56 32.45
N TYR A 278 -7.27 -3.82 31.91
CA TYR A 278 -6.64 -2.75 32.68
C TYR A 278 -7.43 -1.46 32.63
N PHE A 279 -8.46 -1.38 31.80
CA PHE A 279 -9.20 -0.15 31.58
C PHE A 279 -10.67 -0.29 31.94
N GLU A 280 -11.02 -1.33 32.69
CA GLU A 280 -12.41 -1.56 33.11
C GLU A 280 -13.34 -1.60 31.90
N VAL A 281 -12.84 -2.06 30.76
CA VAL A 281 -13.66 -2.23 29.57
C VAL A 281 -14.30 -3.61 29.63
N CYS A 282 -15.61 -3.65 29.39
CA CYS A 282 -16.35 -4.90 29.39
C CYS A 282 -16.12 -5.64 28.08
N ARG A 283 -15.70 -6.90 28.19
CA ARG A 283 -15.41 -7.73 27.02
C ARG A 283 -16.63 -8.56 26.65
N ILE A 284 -17.11 -8.40 25.43
CA ILE A 284 -18.06 -9.34 24.85
C ILE A 284 -17.36 -9.98 23.66
N SER A 285 -17.29 -11.31 23.68
CA SER A 285 -16.48 -12.02 22.70
C SER A 285 -17.27 -13.20 22.17
N SER A 286 -17.05 -13.50 20.90
CA SER A 286 -17.52 -14.76 20.37
C SER A 286 -16.74 -15.89 21.03
N SER A 287 -17.35 -17.07 21.07
CA SER A 287 -16.67 -18.24 21.62
C SER A 287 -15.75 -18.82 20.54
N TYR A 288 -14.70 -18.05 20.25
CA TYR A 288 -13.79 -18.39 19.17
C TYR A 288 -13.15 -19.74 19.42
N TYR A 289 -12.57 -20.32 18.37
CA TYR A 289 -12.11 -21.70 18.48
C TYR A 289 -10.97 -21.79 19.48
N ASN A 290 -11.26 -22.46 20.62
CA ASN A 290 -10.35 -22.90 21.67
C ASN A 290 -10.28 -21.97 22.88
N GLY A 291 -9.51 -20.90 22.80
CA GLY A 291 -9.28 -20.01 23.94
C GLY A 291 -10.47 -19.69 24.81
N ALA A 292 -11.29 -18.74 24.36
CA ALA A 292 -12.57 -18.36 24.95
C ALA A 292 -12.68 -18.46 26.47
N LYS A 293 -12.98 -19.67 26.96
CA LYS A 293 -13.29 -19.87 28.37
C LYS A 293 -12.15 -19.52 29.33
N ASP A 294 -10.91 -19.46 28.84
CA ASP A 294 -9.81 -19.14 29.74
C ASP A 294 -9.55 -17.65 29.85
N LEU A 295 -10.20 -16.83 29.03
CA LEU A 295 -10.14 -15.39 29.18
C LEU A 295 -11.41 -14.81 29.79
N ILE A 296 -12.56 -15.44 29.55
CA ILE A 296 -13.85 -14.93 29.97
C ILE A 296 -14.59 -16.05 30.68
N LYS A 297 -14.89 -15.86 31.97
CA LYS A 297 -15.84 -16.72 32.66
C LYS A 297 -17.20 -16.07 32.46
N ASP A 298 -18.00 -16.64 31.55
CA ASP A 298 -19.25 -16.04 31.11
C ASP A 298 -20.14 -15.63 32.28
N ASN A 299 -20.67 -14.41 32.20
CA ASN A 299 -21.53 -13.75 33.19
C ASN A 299 -20.82 -13.45 34.49
N HIS A 300 -19.51 -13.66 34.56
CA HIS A 300 -18.69 -13.31 35.71
C HIS A 300 -17.60 -12.30 35.37
N ASP A 301 -16.83 -12.56 34.31
CA ASP A 301 -15.73 -11.70 33.90
C ASP A 301 -15.98 -11.02 32.56
N GLY A 302 -17.12 -11.32 31.93
CA GLY A 302 -17.35 -10.87 30.57
C GLY A 302 -18.54 -11.62 30.03
N LEU A 303 -18.80 -11.43 28.73
CA LEU A 303 -19.94 -12.07 28.09
C LEU A 303 -19.45 -12.79 26.84
N LEU A 304 -19.89 -14.03 26.69
CA LEU A 304 -19.56 -14.84 25.53
C LEU A 304 -20.78 -14.99 24.62
N VAL A 305 -20.51 -15.12 23.33
CA VAL A 305 -21.54 -15.30 22.33
C VAL A 305 -21.10 -16.44 21.41
N GLY A 306 -22.07 -17.18 20.88
CA GLY A 306 -21.75 -18.22 19.92
C GLY A 306 -21.10 -17.64 18.69
N CYS A 307 -20.44 -18.52 17.93
CA CYS A 307 -19.65 -18.06 16.80
C CYS A 307 -20.56 -17.65 15.66
N ASP A 308 -20.50 -16.37 15.29
CA ASP A 308 -21.20 -15.74 14.16
C ASP A 308 -22.66 -15.40 14.49
N ASP A 309 -22.98 -15.20 15.77
CA ASP A 309 -24.36 -14.93 16.19
C ASP A 309 -24.54 -13.42 16.33
N GLU A 310 -24.96 -12.77 15.23
CA GLU A 310 -25.14 -11.32 15.24
C GLU A 310 -26.22 -10.89 16.22
N ILE A 311 -27.27 -11.70 16.40
CA ILE A 311 -28.35 -11.32 17.30
C ILE A 311 -27.95 -11.53 18.75
N ALA A 312 -27.25 -12.64 19.04
CA ALA A 312 -26.81 -12.87 20.42
C ALA A 312 -25.83 -11.79 20.89
N LEU A 313 -25.00 -11.28 19.99
CA LEU A 313 -24.11 -10.17 20.36
C LEU A 313 -24.92 -8.91 20.67
N ALA A 314 -26.03 -8.71 19.96
CA ALA A 314 -26.86 -7.53 20.18
C ALA A 314 -27.56 -7.59 21.53
N LYS A 315 -28.09 -8.75 21.90
CA LYS A 315 -28.77 -8.90 23.19
C LYS A 315 -27.79 -8.70 24.34
N LYS A 316 -26.57 -9.21 24.20
CA LYS A 316 -25.53 -9.00 25.21
C LYS A 316 -25.12 -7.53 25.29
N LEU A 317 -25.03 -6.87 24.13
CA LEU A 317 -24.72 -5.44 24.11
C LEU A 317 -25.76 -4.64 24.87
N GLU A 318 -27.05 -4.88 24.60
CA GLU A 318 -28.10 -4.15 25.31
C GLU A 318 -28.10 -4.47 26.79
N LEU A 319 -27.69 -5.69 27.14
CA LEU A 319 -27.63 -6.09 28.54
C LEU A 319 -26.73 -5.14 29.32
N VAL A 320 -25.55 -4.89 28.79
CA VAL A 320 -24.54 -4.11 29.51
C VAL A 320 -24.81 -2.62 29.40
N LEU A 321 -25.25 -2.15 28.23
CA LEU A 321 -25.48 -0.72 28.06
C LEU A 321 -26.79 -0.25 28.68
N ASN A 322 -27.67 -1.16 29.07
CA ASN A 322 -28.88 -0.82 29.81
C ASN A 322 -28.79 -1.22 31.27
N ASP A 323 -27.58 -1.56 31.76
CA ASP A 323 -27.40 -1.96 33.16
C ASP A 323 -25.95 -1.66 33.55
N GLU A 324 -25.69 -0.39 33.90
CA GLU A 324 -24.33 0.02 34.24
C GLU A 324 -23.82 -0.67 35.50
N ASN A 325 -24.70 -0.94 36.47
CA ASN A 325 -24.25 -1.62 37.68
C ASN A 325 -23.83 -3.06 37.38
N PHE A 326 -24.40 -3.66 36.35
CA PHE A 326 -24.01 -5.02 35.98
C PHE A 326 -22.73 -5.02 35.17
N ARG A 327 -22.55 -4.05 34.28
CA ARG A 327 -21.28 -3.93 33.57
C ARG A 327 -20.15 -3.63 34.53
N LYS A 328 -20.40 -2.80 35.54
CA LYS A 328 -19.38 -2.49 36.54
C LYS A 328 -19.00 -3.75 37.32
N GLU A 329 -19.97 -4.55 37.73
CA GLU A 329 -19.66 -5.77 38.47
C GLU A 329 -18.95 -6.78 37.57
N LEU A 330 -19.39 -6.90 36.33
CA LEU A 330 -18.69 -7.72 35.34
C LEU A 330 -17.23 -7.31 35.22
N VAL A 331 -16.98 -6.01 35.22
CA VAL A 331 -15.66 -5.49 34.93
C VAL A 331 -14.76 -5.51 36.16
N ASN A 332 -15.32 -5.36 37.37
CA ASN A 332 -14.49 -5.42 38.57
C ASN A 332 -13.99 -6.84 38.83
N ASN A 333 -14.75 -7.86 38.43
CA ASN A 333 -14.24 -9.23 38.50
C ASN A 333 -13.11 -9.45 37.49
N ALA A 334 -13.18 -8.79 36.33
CA ALA A 334 -12.14 -8.94 35.32
C ALA A 334 -10.78 -8.50 35.84
N LYS A 335 -10.76 -7.55 36.78
CA LYS A 335 -9.51 -7.03 37.33
C LYS A 335 -8.68 -8.10 38.00
N GLN A 336 -9.30 -9.19 38.45
CA GLN A 336 -8.53 -10.30 39.03
C GLN A 336 -7.57 -10.91 38.02
N ARG A 337 -7.93 -10.91 36.73
CA ARG A 337 -7.05 -11.53 35.73
C ARG A 337 -5.86 -10.68 35.33
N CYS A 338 -5.71 -9.47 35.88
CA CYS A 338 -4.60 -8.61 35.50
C CYS A 338 -3.25 -9.26 35.83
N LYS A 339 -3.15 -9.89 37.00
CA LYS A 339 -1.88 -10.49 37.43
C LYS A 339 -1.36 -11.55 36.47
N ASP A 340 -2.24 -12.18 35.68
CA ASP A 340 -1.82 -13.27 34.80
C ASP A 340 -1.00 -12.79 33.62
N PHE A 341 -0.99 -11.49 33.33
CA PHE A 341 -0.37 -10.93 32.14
C PHE A 341 0.64 -9.84 32.48
N GLU A 342 1.13 -9.83 33.72
CA GLU A 342 2.10 -8.83 34.12
C GLU A 342 3.43 -9.10 33.42
N ILE A 343 4.06 -8.04 32.94
CA ILE A 343 5.25 -8.19 32.11
C ILE A 343 6.35 -8.88 32.89
N SER A 344 6.55 -8.46 34.14
CA SER A 344 7.71 -8.91 34.90
C SER A 344 7.70 -10.42 35.12
N ASN A 345 6.52 -11.00 35.34
CA ASN A 345 6.46 -12.45 35.58
C ASN A 345 6.63 -13.23 34.29
N ILE A 346 6.10 -12.71 33.18
CA ILE A 346 6.21 -13.44 31.92
C ILE A 346 7.62 -13.31 31.34
N LYS A 347 8.28 -12.17 31.54
CA LYS A 347 9.65 -12.04 31.06
C LYS A 347 10.56 -13.05 31.74
N GLU A 348 10.34 -13.31 33.03
CA GLU A 348 11.16 -14.29 33.74
C GLU A 348 10.88 -15.72 33.30
N GLU A 349 9.71 -15.98 32.72
CA GLU A 349 9.44 -17.31 32.20
C GLU A 349 10.06 -17.52 30.83
N TRP A 350 10.22 -16.44 30.04
CA TRP A 350 11.03 -16.53 28.84
C TRP A 350 12.50 -16.70 29.18
N LEU A 351 12.98 -16.02 30.22
CA LEU A 351 14.37 -16.14 30.60
C LEU A 351 14.69 -17.55 31.10
N LYS A 352 13.75 -18.20 31.78
CA LYS A 352 13.92 -19.60 32.12
C LYS A 352 14.01 -20.46 30.86
N LEU A 353 13.12 -20.21 29.89
CA LEU A 353 13.16 -20.98 28.64
C LEU A 353 14.47 -20.76 27.90
N ILE A 354 15.01 -19.54 27.94
CA ILE A 354 16.22 -19.24 27.18
C ILE A 354 17.43 -19.92 27.80
N VAL A 355 17.59 -19.83 29.13
CA VAL A 355 18.73 -20.49 29.74
C VAL A 355 18.56 -22.00 29.72
N GLU A 356 17.32 -22.48 29.70
CA GLU A 356 17.10 -23.93 29.63
C GLU A 356 17.52 -24.47 28.27
N VAL A 357 17.19 -23.77 27.19
CA VAL A 357 17.59 -24.22 25.86
C VAL A 357 19.05 -23.91 25.59
N LYS A 358 19.64 -22.95 26.31
CA LYS A 358 21.05 -22.62 26.15
C LYS A 358 21.97 -23.71 26.70
N ASN A 359 21.41 -24.73 27.35
CA ASN A 359 22.18 -25.89 27.79
C ASN A 359 22.23 -26.93 26.66
N ALA A 360 22.92 -26.55 25.58
CA ALA A 360 23.06 -27.38 24.40
C ALA A 360 24.38 -28.14 24.43
N MET B 1 30.98 5.27 -22.59
CA MET B 1 31.19 4.86 -21.20
C MET B 1 29.91 4.32 -20.55
N MET B 2 29.82 4.47 -19.24
CA MET B 2 28.65 4.02 -18.49
C MET B 2 28.47 4.92 -17.28
N MET B 3 27.22 5.31 -17.03
CA MET B 3 26.86 6.20 -15.93
C MET B 3 25.87 5.50 -15.02
N LYS B 4 25.85 5.92 -13.76
CA LYS B 4 24.81 5.49 -12.83
C LYS B 4 23.73 6.56 -12.81
N ILE B 5 22.49 6.13 -13.03
CA ILE B 5 21.35 7.03 -13.14
C ILE B 5 20.31 6.57 -12.13
N SER B 6 19.92 7.46 -11.22
CA SER B 6 18.87 7.20 -10.25
C SER B 6 17.66 8.07 -10.57
N PHE B 7 16.54 7.44 -10.90
CA PHE B 7 15.28 8.13 -11.04
C PHE B 7 14.56 8.18 -9.70
N ILE B 8 13.96 9.34 -9.41
CA ILE B 8 13.16 9.52 -8.21
C ILE B 8 11.75 9.86 -8.64
N ILE B 9 10.78 9.08 -8.15
CA ILE B 9 9.37 9.29 -8.48
C ILE B 9 8.54 8.78 -7.32
N ALA B 10 7.39 9.41 -7.09
CA ALA B 10 6.61 9.07 -5.90
C ALA B 10 6.07 7.65 -5.97
N THR B 11 5.26 7.35 -6.97
CA THR B 11 4.70 6.01 -7.16
C THR B 11 5.11 5.48 -8.54
N LEU B 12 4.65 4.27 -8.83
CA LEU B 12 4.83 3.67 -10.15
C LEU B 12 3.54 2.99 -10.58
N ASN B 13 2.42 3.69 -10.37
CA ASN B 13 1.11 3.17 -10.70
C ASN B 13 0.70 3.62 -12.10
N SER B 14 -0.49 3.21 -12.54
CA SER B 14 -0.89 3.31 -13.94
C SER B 14 -1.09 4.75 -14.41
N GLY B 15 0.03 5.50 -14.50
CA GLY B 15 -0.01 6.87 -14.97
C GLY B 15 0.97 7.10 -16.09
N GLY B 16 0.90 8.30 -16.66
CA GLY B 16 1.72 8.68 -17.80
C GLY B 16 3.16 9.01 -17.46
N ALA B 17 3.38 9.80 -16.42
CA ALA B 17 4.75 10.09 -16.02
C ALA B 17 5.46 8.81 -15.60
N GLU B 18 4.73 7.93 -14.90
CA GLU B 18 5.29 6.62 -14.56
C GLU B 18 5.60 5.82 -15.82
N ARG B 19 4.72 5.88 -16.81
CA ARG B 19 4.93 5.12 -18.04
C ARG B 19 6.19 5.61 -18.77
N VAL B 20 6.43 6.93 -18.75
CA VAL B 20 7.60 7.47 -19.43
C VAL B 20 8.88 7.06 -18.69
N LEU B 21 8.84 7.07 -17.36
CA LEU B 21 10.03 6.75 -16.59
C LEU B 21 10.48 5.32 -16.83
N VAL B 22 9.56 4.36 -16.70
CA VAL B 22 9.88 2.96 -16.95
C VAL B 22 10.39 2.78 -18.38
N THR B 23 9.78 3.47 -19.34
CA THR B 23 10.26 3.39 -20.72
C THR B 23 11.70 3.84 -20.83
N LEU B 24 12.03 4.98 -20.20
CA LEU B 24 13.39 5.50 -20.21
C LEU B 24 14.34 4.57 -19.48
N ALA B 25 13.99 4.18 -18.25
CA ALA B 25 14.84 3.28 -17.47
C ALA B 25 15.09 1.97 -18.21
N ASN B 26 14.04 1.37 -18.75
CA ASN B 26 14.22 0.14 -19.52
C ASN B 26 15.19 0.34 -20.67
N ALA B 27 15.18 1.53 -21.29
CA ALA B 27 16.07 1.80 -22.41
C ALA B 27 17.50 2.03 -21.94
N LEU B 28 17.67 2.83 -20.88
CA LEU B 28 19.01 3.16 -20.41
C LEU B 28 19.68 1.98 -19.71
N CYS B 29 18.90 1.08 -19.13
CA CYS B 29 19.46 0.03 -18.26
C CYS B 29 20.35 -0.95 -19.01
N LYS B 30 20.35 -0.96 -20.34
CA LYS B 30 21.17 -1.93 -21.04
C LYS B 30 22.64 -1.50 -21.02
N GLU B 31 22.90 -0.24 -21.32
CA GLU B 31 24.26 0.25 -21.41
C GLU B 31 24.68 1.04 -20.17
N HIS B 32 23.73 1.39 -19.30
CA HIS B 32 24.04 2.10 -18.07
C HIS B 32 23.47 1.32 -16.90
N GLU B 33 23.70 1.84 -15.70
CA GLU B 33 23.28 1.19 -14.46
C GLU B 33 22.19 2.07 -13.86
N VAL B 34 20.94 1.62 -13.95
CA VAL B 34 19.79 2.46 -13.63
C VAL B 34 19.19 2.00 -12.31
N SER B 35 18.95 2.96 -11.43
CA SER B 35 18.26 2.75 -10.17
C SER B 35 16.99 3.61 -10.15
N ILE B 36 16.02 3.22 -9.34
CA ILE B 36 14.80 4.00 -9.17
C ILE B 36 14.50 4.10 -7.69
N ILE B 37 14.41 5.33 -7.19
CA ILE B 37 14.01 5.57 -5.80
C ILE B 37 12.57 6.05 -5.84
N LYS B 38 11.68 5.26 -5.24
CA LYS B 38 10.27 5.61 -5.20
C LYS B 38 9.78 5.72 -3.76
N PHE B 39 8.91 6.71 -3.51
CA PHE B 39 8.46 6.98 -2.16
C PHE B 39 7.42 5.97 -1.69
N HIS B 40 6.59 5.48 -2.60
CA HIS B 40 5.45 4.65 -2.26
C HIS B 40 5.84 3.18 -2.32
N THR B 41 5.33 2.42 -1.36
CA THR B 41 5.44 0.98 -1.44
C THR B 41 4.64 0.46 -2.62
N GLY B 42 5.03 -0.70 -3.13
CA GLY B 42 4.26 -1.30 -4.20
C GLY B 42 5.01 -1.63 -5.47
N GLU B 43 4.39 -2.49 -6.27
CA GLU B 43 4.98 -3.03 -7.48
C GLU B 43 4.87 -2.03 -8.62
N SER B 44 5.88 -2.02 -9.49
CA SER B 44 5.76 -1.27 -10.73
C SER B 44 4.57 -1.79 -11.52
N PHE B 45 3.66 -0.88 -11.89
CA PHE B 45 2.52 -1.27 -12.69
C PHE B 45 2.94 -1.72 -14.09
N TYR B 46 4.01 -1.13 -14.63
CA TYR B 46 4.50 -1.47 -15.96
C TYR B 46 5.67 -2.43 -15.86
N LYS B 47 5.90 -3.18 -16.93
CA LYS B 47 6.99 -4.15 -16.98
C LYS B 47 8.34 -3.43 -16.91
N LEU B 48 9.11 -3.73 -15.87
CA LEU B 48 10.41 -3.13 -15.62
C LEU B 48 11.51 -4.14 -15.89
N GLU B 49 12.56 -3.69 -16.55
CA GLU B 49 13.67 -4.57 -16.90
C GLU B 49 14.33 -5.12 -15.64
N ASN B 50 14.74 -6.39 -15.71
CA ASN B 50 15.27 -7.08 -14.53
C ASN B 50 16.49 -6.38 -13.96
N GLU B 51 17.25 -5.68 -14.80
CA GLU B 51 18.52 -5.08 -14.37
C GLU B 51 18.35 -3.76 -13.63
N VAL B 52 17.14 -3.21 -13.57
CA VAL B 52 16.91 -1.95 -12.88
C VAL B 52 16.78 -2.21 -11.39
N LYS B 53 17.56 -1.47 -10.59
CA LYS B 53 17.49 -1.57 -9.13
C LYS B 53 16.40 -0.64 -8.63
N VAL B 54 15.50 -1.17 -7.82
CA VAL B 54 14.40 -0.39 -7.26
C VAL B 54 14.57 -0.30 -5.75
N THR B 55 14.50 0.91 -5.22
CA THR B 55 14.52 1.16 -3.79
C THR B 55 13.28 2.00 -3.48
N SER B 56 12.34 1.45 -2.73
CA SER B 56 11.23 2.24 -2.23
C SER B 56 11.57 2.70 -0.81
N LEU B 57 11.31 3.97 -0.53
CA LEU B 57 11.59 4.47 0.80
C LEU B 57 10.68 3.79 1.81
N GLU B 58 11.07 3.88 3.08
CA GLU B 58 10.22 3.42 4.16
C GLU B 58 8.85 4.07 4.06
N GLN B 59 7.83 3.35 4.53
CA GLN B 59 6.49 3.90 4.62
C GLN B 59 6.33 4.47 6.02
N PHE B 60 5.70 5.63 6.11
CA PHE B 60 5.67 6.38 7.36
C PHE B 60 4.25 6.59 7.83
N ARG B 61 4.10 6.53 9.15
CA ARG B 61 2.81 6.64 9.80
C ARG B 61 2.28 8.05 9.70
N PHE B 62 0.96 8.16 9.50
CA PHE B 62 0.25 9.43 9.43
C PHE B 62 -0.95 9.46 10.35
N ASP B 63 -0.95 8.64 11.42
CA ASP B 63 -2.16 8.46 12.22
C ASP B 63 -2.44 9.64 13.12
N THR B 64 -1.41 10.33 13.60
CA THR B 64 -1.59 11.41 14.55
C THR B 64 -0.99 12.69 13.98
N LEU B 65 -1.29 13.81 14.65
CA LEU B 65 -0.80 15.11 14.20
C LEU B 65 0.72 15.19 14.29
N TYR B 66 1.30 14.62 15.35
CA TYR B 66 2.74 14.67 15.52
C TYR B 66 3.46 14.01 14.35
N HIS B 67 2.95 12.86 13.89
CA HIS B 67 3.61 12.18 12.78
C HIS B 67 3.48 12.98 11.48
N LYS B 68 2.36 13.69 11.30
CA LYS B 68 2.17 14.51 10.10
C LYS B 68 3.32 15.49 9.89
N ILE B 69 3.92 15.99 10.96
CA ILE B 69 5.12 16.83 10.88
C ILE B 69 6.38 15.99 10.83
N ALA B 70 6.48 15.01 11.73
CA ALA B 70 7.69 14.19 11.84
C ALA B 70 7.90 13.34 10.60
N SER B 71 6.83 12.78 10.03
CA SER B 71 6.95 11.93 8.85
C SER B 71 7.73 12.61 7.73
N ARG B 72 7.47 13.90 7.49
CA ARG B 72 8.13 14.57 6.38
C ARG B 72 9.62 14.77 6.65
N PHE B 73 9.98 15.13 7.88
CA PHE B 73 11.40 15.22 8.23
C PHE B 73 12.06 13.85 8.12
N LYS B 74 11.39 12.79 8.57
CA LYS B 74 11.98 11.46 8.41
C LYS B 74 11.96 11.03 6.94
N LYS B 75 10.89 11.37 6.22
CA LYS B 75 10.87 11.15 4.78
C LYS B 75 11.99 11.90 4.09
N PHE B 76 12.23 13.14 4.51
CA PHE B 76 13.25 13.96 3.88
C PHE B 76 14.64 13.33 4.05
N PHE B 77 14.97 12.90 5.27
CA PHE B 77 16.30 12.35 5.50
C PHE B 77 16.43 10.94 4.95
N ALA B 78 15.32 10.20 4.80
CA ALA B 78 15.37 8.93 4.10
C ALA B 78 15.63 9.12 2.61
N LEU B 79 15.09 10.18 2.02
CA LEU B 79 15.39 10.48 0.62
C LEU B 79 16.83 10.92 0.47
N ARG B 80 17.30 11.79 1.38
CA ARG B 80 18.70 12.19 1.40
C ARG B 80 19.61 10.99 1.60
N LYS B 81 19.20 10.06 2.45
CA LYS B 81 20.02 8.88 2.71
C LYS B 81 20.09 7.99 1.48
N ALA B 82 18.95 7.76 0.81
CA ALA B 82 18.95 6.96 -0.41
C ALA B 82 19.75 7.62 -1.52
N LEU B 83 19.67 8.95 -1.63
CA LEU B 83 20.42 9.64 -2.67
C LEU B 83 21.93 9.48 -2.47
N LYS B 84 22.40 9.56 -1.22
CA LYS B 84 23.83 9.38 -0.96
C LYS B 84 24.26 7.95 -1.29
N GLU B 85 23.51 6.96 -0.78
CA GLU B 85 23.87 5.56 -1.02
C GLU B 85 23.80 5.15 -2.49
N SER B 86 23.04 5.88 -3.32
CA SER B 86 22.92 5.49 -4.71
C SER B 86 24.19 5.73 -5.51
N LYS B 87 25.03 6.67 -5.08
CA LYS B 87 26.34 6.92 -5.70
C LYS B 87 26.21 7.21 -7.20
N ALA B 88 25.15 7.92 -7.57
CA ALA B 88 24.81 8.08 -8.97
C ALA B 88 25.58 9.23 -9.61
N ASP B 89 25.84 9.09 -10.91
CA ASP B 89 26.42 10.18 -11.68
C ASP B 89 25.42 11.30 -11.91
N VAL B 90 24.14 10.97 -12.02
CA VAL B 90 23.09 11.96 -12.26
C VAL B 90 21.81 11.49 -11.59
N PHE B 91 21.02 12.44 -11.12
CA PHE B 91 19.69 12.20 -10.59
C PHE B 91 18.66 12.78 -11.55
N ILE B 92 17.61 12.02 -11.82
CA ILE B 92 16.49 12.46 -12.65
C ILE B 92 15.23 12.33 -11.82
N SER B 93 14.61 13.44 -11.49
CA SER B 93 13.45 13.48 -10.61
C SER B 93 12.19 13.79 -11.42
N PHE B 94 11.04 13.29 -10.96
CA PHE B 94 9.81 13.32 -11.75
C PHE B 94 8.67 13.94 -10.96
N LEU B 95 7.99 14.91 -11.60
CA LEU B 95 6.80 15.62 -11.11
C LEU B 95 7.07 16.61 -9.97
N ASP B 96 6.26 17.67 -9.94
CA ASP B 96 6.50 18.89 -9.17
C ASP B 96 6.96 18.69 -7.74
N THR B 97 6.11 18.14 -6.85
CA THR B 97 6.46 18.13 -5.44
C THR B 97 7.70 17.29 -5.16
N THR B 98 7.89 16.18 -5.88
CA THR B 98 9.11 15.43 -5.65
C THR B 98 10.31 16.12 -6.29
N ASN B 99 10.10 16.88 -7.37
CA ASN B 99 11.15 17.77 -7.85
C ASN B 99 11.61 18.71 -6.75
N ILE B 100 10.67 19.32 -6.02
CA ILE B 100 11.04 20.22 -4.93
C ILE B 100 11.76 19.45 -3.84
N ALA B 101 11.23 18.29 -3.46
CA ALA B 101 11.84 17.47 -2.42
C ALA B 101 13.27 17.09 -2.78
N CYS B 102 13.50 16.67 -4.03
CA CYS B 102 14.84 16.26 -4.45
C CYS B 102 15.81 17.44 -4.42
N ILE B 103 15.36 18.63 -4.80
CA ILE B 103 16.23 19.80 -4.78
C ILE B 103 16.79 20.04 -3.38
N LEU B 104 15.92 20.02 -2.36
CA LEU B 104 16.38 20.20 -0.99
C LEU B 104 17.21 19.01 -0.53
N ALA B 105 16.70 17.79 -0.73
CA ALA B 105 17.44 16.61 -0.29
C ALA B 105 18.81 16.51 -0.97
N ASN B 106 18.94 17.06 -2.19
CA ASN B 106 20.21 17.03 -2.91
C ASN B 106 21.20 18.09 -2.42
N ILE B 107 20.75 19.06 -1.61
CA ILE B 107 21.66 20.07 -1.09
C ILE B 107 22.81 19.39 -0.35
N GLY B 108 24.04 19.77 -0.72
CA GLY B 108 25.23 19.21 -0.10
C GLY B 108 25.92 18.18 -0.97
N LEU B 109 25.17 17.19 -1.45
CA LEU B 109 25.72 16.18 -2.34
C LEU B 109 26.16 16.85 -3.64
N LYS B 110 27.26 16.37 -4.22
CA LYS B 110 27.79 17.02 -5.43
C LYS B 110 27.34 16.31 -6.70
N THR B 111 26.11 15.65 -6.67
CA THR B 111 25.75 15.08 -7.97
C THR B 111 24.67 15.94 -8.64
N PRO B 112 24.79 16.15 -9.94
CA PRO B 112 23.80 16.96 -10.65
C PRO B 112 22.43 16.31 -10.63
N LEU B 113 21.40 17.16 -10.68
CA LEU B 113 20.01 16.74 -10.58
C LEU B 113 19.21 17.35 -11.73
N ILE B 114 18.47 16.52 -12.45
CA ILE B 114 17.60 16.96 -13.53
C ILE B 114 16.16 16.73 -13.11
N ILE B 115 15.36 17.79 -13.11
CA ILE B 115 13.95 17.71 -12.78
C ILE B 115 13.17 17.71 -14.10
N SER B 116 11.99 17.12 -14.06
CA SER B 116 11.16 17.05 -15.26
C SER B 116 9.72 17.30 -14.89
N GLU B 117 9.09 18.23 -15.60
CA GLU B 117 7.68 18.52 -15.43
C GLU B 117 6.89 17.77 -16.49
N HIS B 118 5.67 17.36 -16.15
CA HIS B 118 4.95 16.48 -17.05
C HIS B 118 3.54 16.93 -17.32
N SER B 119 2.95 17.68 -16.40
CA SER B 119 1.71 18.30 -16.77
C SER B 119 2.01 19.72 -17.25
N ASN B 120 0.96 20.47 -17.57
CA ASN B 120 1.16 21.88 -17.88
C ASN B 120 1.59 22.62 -16.61
N GLU B 121 2.19 23.79 -16.80
CA GLU B 121 2.50 24.67 -15.67
C GLU B 121 1.26 24.95 -14.84
N ALA B 122 0.11 25.13 -15.50
CA ALA B 122 -1.11 25.59 -14.86
C ALA B 122 -1.83 24.48 -14.08
N TYR B 123 -1.43 23.22 -14.27
CA TYR B 123 -2.07 22.15 -13.51
C TYR B 123 -1.79 22.26 -12.03
N LEU B 124 -0.65 22.83 -11.65
CA LEU B 124 -0.34 23.11 -10.25
C LEU B 124 -1.10 24.37 -9.85
N LYS B 125 -2.13 24.19 -9.01
CA LYS B 125 -3.04 25.29 -8.67
C LYS B 125 -2.79 25.96 -7.32
N PRO B 126 -2.47 25.23 -6.24
CA PRO B 126 -2.30 25.88 -4.93
C PRO B 126 -1.29 27.01 -4.94
N LYS B 127 -1.65 28.13 -4.30
CA LYS B 127 -0.77 29.29 -4.26
C LYS B 127 0.58 28.96 -3.62
N THR B 128 0.58 28.08 -2.63
CA THR B 128 1.77 27.82 -1.85
C THR B 128 2.77 26.97 -2.62
N TRP B 129 2.28 25.92 -3.29
CA TRP B 129 3.18 25.08 -4.05
C TRP B 129 3.69 25.81 -5.29
N ARG B 130 2.85 26.64 -5.91
CA ARG B 130 3.32 27.45 -7.02
C ARG B 130 4.45 28.37 -6.59
N PHE B 131 4.44 28.80 -5.33
CA PHE B 131 5.50 29.64 -4.81
C PHE B 131 6.77 28.82 -4.57
N LEU B 132 6.66 27.71 -3.85
CA LEU B 132 7.82 26.85 -3.60
C LEU B 132 8.40 26.30 -4.89
N ARG B 133 7.56 26.01 -5.89
CA ARG B 133 8.08 25.60 -7.19
C ARG B 133 8.89 26.72 -7.82
N ARG B 134 8.51 27.98 -7.55
CA ARG B 134 9.19 29.13 -8.12
C ARG B 134 10.52 29.42 -7.44
N VAL B 135 10.59 29.25 -6.12
CA VAL B 135 11.85 29.55 -5.43
C VAL B 135 12.85 28.40 -5.59
N SER B 136 12.38 27.17 -5.73
CA SER B 136 13.24 25.98 -5.69
C SER B 136 13.72 25.52 -7.06
N TYR B 137 12.87 25.59 -8.09
CA TYR B 137 13.30 25.16 -9.42
C TYR B 137 14.54 25.89 -9.95
N PRO B 138 14.85 27.14 -9.58
CA PRO B 138 16.11 27.74 -10.07
C PRO B 138 17.36 27.02 -9.59
N PHE B 139 17.25 26.16 -8.59
CA PHE B 139 18.41 25.44 -8.05
C PHE B 139 18.61 24.06 -8.66
N CYS B 140 17.87 23.73 -9.73
CA CYS B 140 18.15 22.50 -10.46
C CYS B 140 19.27 22.73 -11.46
N ASP B 141 19.78 21.63 -12.02
CA ASP B 141 20.81 21.73 -13.05
C ASP B 141 20.23 21.76 -14.45
N ALA B 142 19.07 21.14 -14.65
CA ALA B 142 18.31 21.27 -15.88
C ALA B 142 16.88 20.86 -15.61
N LEU B 143 15.98 21.26 -16.52
CA LEU B 143 14.55 21.00 -16.38
C LEU B 143 14.01 20.47 -17.70
N SER B 144 13.38 19.30 -17.66
CA SER B 144 12.71 18.72 -18.81
C SER B 144 11.24 19.15 -18.82
N VAL B 145 10.77 19.65 -19.97
CA VAL B 145 9.38 20.05 -20.15
C VAL B 145 8.84 19.36 -21.39
N LEU B 146 7.51 19.40 -21.53
CA LEU B 146 6.82 18.63 -22.56
C LEU B 146 6.35 19.47 -23.75
N GLY B 147 6.14 20.76 -23.57
CA GLY B 147 5.65 21.60 -24.64
C GLY B 147 6.38 22.93 -24.67
N SER B 148 6.26 23.62 -25.80
CA SER B 148 6.96 24.89 -25.96
C SER B 148 6.40 25.95 -25.03
N SER B 149 5.12 25.82 -24.66
CA SER B 149 4.52 26.77 -23.72
C SER B 149 5.16 26.69 -22.33
N ASP B 150 5.38 25.47 -21.84
CA ASP B 150 6.01 25.33 -20.52
C ASP B 150 7.48 25.72 -20.54
N LYS B 151 8.15 25.56 -21.69
CA LYS B 151 9.55 25.95 -21.79
C LYS B 151 9.71 27.45 -21.56
N VAL B 152 8.85 28.27 -22.17
CA VAL B 152 8.95 29.73 -22.01
C VAL B 152 8.58 30.16 -20.60
N TYR B 153 7.62 29.48 -19.96
CA TYR B 153 7.26 29.82 -18.58
C TYR B 153 8.44 29.60 -17.64
N TYR B 154 9.10 28.43 -17.77
CA TYR B 154 10.19 28.09 -16.84
C TYR B 154 11.51 28.76 -17.23
N GLU B 155 11.71 29.03 -18.53
CA GLU B 155 12.95 29.67 -18.98
C GLU B 155 13.17 31.02 -18.31
N ARG B 156 12.11 31.64 -17.81
CA ARG B 156 12.22 32.97 -17.22
C ARG B 156 12.89 32.93 -15.85
N PHE B 157 12.88 31.78 -15.16
CA PHE B 157 13.54 31.66 -13.88
C PHE B 157 14.35 30.37 -13.71
N VAL B 158 14.54 29.58 -14.75
CA VAL B 158 15.46 28.44 -14.73
C VAL B 158 16.46 28.62 -15.87
N LYS B 159 17.75 28.36 -15.58
CA LYS B 159 18.80 28.66 -16.54
C LYS B 159 18.87 27.65 -17.68
N ARG B 160 18.69 26.37 -17.40
CA ARG B 160 18.73 25.33 -18.41
C ARG B 160 17.38 24.60 -18.43
N VAL B 161 16.56 24.89 -19.45
CA VAL B 161 15.30 24.20 -19.67
C VAL B 161 15.34 23.58 -21.06
N LYS B 162 14.99 22.30 -21.16
CA LYS B 162 15.02 21.58 -22.42
C LYS B 162 13.68 20.91 -22.68
N LEU B 163 13.28 20.89 -23.95
CA LEU B 163 12.04 20.27 -24.39
C LEU B 163 12.33 18.84 -24.83
N LEU B 164 11.81 17.87 -24.09
CA LEU B 164 12.05 16.45 -24.35
C LEU B 164 10.70 15.76 -24.48
N LEU B 165 10.39 15.28 -25.68
CA LEU B 165 9.11 14.63 -25.88
C LEU B 165 9.07 13.29 -25.14
N ASN B 166 7.86 12.83 -24.88
CA ASN B 166 7.67 11.54 -24.21
C ASN B 166 7.99 10.40 -25.17
N PRO B 167 8.75 9.40 -24.74
CA PRO B 167 9.01 8.24 -25.61
C PRO B 167 7.97 7.16 -25.42
N CYS B 168 7.55 6.57 -26.52
CA CYS B 168 6.55 5.51 -26.49
C CYS B 168 7.24 4.16 -26.59
N HIS B 169 7.04 3.31 -25.59
CA HIS B 169 7.70 2.00 -25.60
C HIS B 169 7.15 1.09 -26.70
N PHE B 170 5.98 1.40 -27.24
CA PHE B 170 5.44 0.62 -28.35
C PHE B 170 6.26 0.76 -29.62
N SER B 171 7.11 1.79 -29.72
CA SER B 171 7.92 1.94 -30.93
C SER B 171 8.98 0.85 -31.09
N ASP B 172 9.23 0.05 -30.05
CA ASP B 172 10.09 -1.13 -30.16
C ASP B 172 9.29 -2.37 -30.53
N GLU B 173 8.21 -2.64 -29.81
CA GLU B 173 7.38 -3.80 -30.08
C GLU B 173 6.76 -3.72 -31.47
N ILE B 174 5.92 -2.72 -31.70
CA ILE B 174 5.07 -2.63 -32.89
C ILE B 174 5.87 -2.33 -34.15
N PRO B 175 5.91 -3.24 -35.13
CA PRO B 175 6.53 -2.91 -36.41
C PRO B 175 5.74 -1.86 -37.14
N PHE B 176 6.46 -0.93 -37.80
CA PHE B 176 5.80 0.10 -38.62
C PHE B 176 5.47 -0.56 -39.95
N ASP B 177 4.40 -1.37 -39.93
CA ASP B 177 3.97 -2.18 -41.07
C ASP B 177 2.73 -2.99 -40.72
N SER B 178 2.21 -2.81 -39.52
CA SER B 178 1.15 -3.68 -39.04
C SER B 178 -0.18 -3.31 -39.70
N SER B 179 -0.97 -4.32 -40.01
CA SER B 179 -2.25 -4.12 -40.69
C SER B 179 -3.41 -3.91 -39.73
N PHE B 180 -3.50 -4.73 -38.67
CA PHE B 180 -4.56 -4.68 -37.66
C PHE B 180 -5.94 -5.02 -38.23
N GLU B 181 -6.69 -5.81 -37.48
CA GLU B 181 -8.09 -6.10 -37.79
C GLU B 181 -8.89 -5.28 -36.79
N LYS B 182 -9.27 -4.08 -37.19
CA LYS B 182 -9.98 -3.23 -36.25
C LYS B 182 -11.38 -3.76 -36.04
N GLU B 183 -11.87 -3.67 -34.80
CA GLU B 183 -13.21 -4.03 -34.42
C GLU B 183 -13.98 -2.76 -34.06
N ASN B 184 -15.29 -2.90 -33.92
CA ASN B 184 -16.13 -1.77 -33.50
C ASN B 184 -15.91 -1.51 -32.01
N LEU B 185 -14.77 -0.89 -31.72
CA LEU B 185 -14.36 -0.59 -30.36
C LEU B 185 -13.91 0.86 -30.28
N VAL B 186 -14.34 1.55 -29.23
CA VAL B 186 -13.98 2.95 -29.01
C VAL B 186 -13.44 3.08 -27.59
N LEU B 187 -12.23 3.63 -27.47
CA LEU B 187 -11.49 3.64 -26.21
C LEU B 187 -11.53 5.00 -25.54
N PHE B 188 -11.65 4.97 -24.21
CA PHE B 188 -11.25 6.07 -23.35
C PHE B 188 -10.28 5.48 -22.34
N ILE B 189 -9.01 5.83 -22.46
CA ILE B 189 -7.98 5.37 -21.54
C ILE B 189 -7.53 6.56 -20.71
N GLY B 190 -7.69 6.47 -19.40
CA GLY B 190 -7.19 7.53 -18.54
C GLY B 190 -7.74 7.43 -17.13
N ARG B 191 -7.12 8.23 -16.27
CA ARG B 191 -7.53 8.35 -14.88
C ARG B 191 -8.96 8.89 -14.80
N LEU B 192 -9.75 8.37 -13.86
CA LEU B 192 -11.15 8.77 -13.72
C LEU B 192 -11.28 9.85 -12.65
N ASP B 193 -10.71 11.02 -12.94
CA ASP B 193 -10.86 12.21 -12.11
C ASP B 193 -11.47 13.35 -12.93
N HIS B 194 -11.69 14.50 -12.28
CA HIS B 194 -12.45 15.57 -12.92
C HIS B 194 -11.72 16.13 -14.12
N ASN B 195 -10.40 16.27 -14.05
CA ASN B 195 -9.69 16.95 -15.13
C ASN B 195 -9.65 16.08 -16.39
N LYS B 196 -9.55 14.77 -16.23
CA LYS B 196 -9.65 13.86 -17.36
C LYS B 196 -11.02 13.88 -17.98
N ASN B 197 -12.03 14.32 -17.23
CA ASN B 197 -13.41 14.55 -17.66
C ASN B 197 -13.95 13.38 -18.46
N PRO B 198 -14.12 12.21 -17.84
CA PRO B 198 -14.72 11.09 -18.57
C PRO B 198 -16.22 11.23 -18.74
N VAL B 199 -16.85 12.18 -18.03
CA VAL B 199 -18.29 12.41 -18.18
C VAL B 199 -18.60 12.84 -19.61
N MET B 200 -17.74 13.68 -20.20
CA MET B 200 -17.91 14.08 -21.59
C MET B 200 -17.92 12.88 -22.52
N PHE B 201 -17.12 11.86 -22.22
CA PHE B 201 -17.15 10.63 -23.01
C PHE B 201 -18.52 9.97 -22.95
N LEU B 202 -19.11 9.88 -21.75
CA LEU B 202 -20.40 9.21 -21.59
C LEU B 202 -21.51 9.97 -22.28
N LYS B 203 -21.62 11.28 -22.02
CA LYS B 203 -22.71 12.03 -22.64
C LYS B 203 -22.58 12.08 -24.17
N ALA B 204 -21.37 11.95 -24.71
CA ALA B 204 -21.21 11.91 -26.17
C ALA B 204 -21.66 10.57 -26.73
N ILE B 205 -21.53 9.48 -25.97
CA ILE B 205 -22.05 8.20 -26.42
C ILE B 205 -23.57 8.23 -26.48
N ALA B 206 -24.20 8.90 -25.51
CA ALA B 206 -25.66 8.95 -25.45
C ALA B 206 -26.25 9.70 -26.64
N HIS B 207 -25.50 10.63 -27.22
CA HIS B 207 -25.96 11.39 -28.37
C HIS B 207 -25.59 10.73 -29.70
N LEU B 208 -25.04 9.52 -29.65
CA LEU B 208 -24.67 8.81 -30.86
C LEU B 208 -25.89 8.12 -31.46
N ASP B 209 -25.87 7.90 -32.78
CA ASP B 209 -26.97 7.21 -33.44
C ASP B 209 -27.28 5.91 -32.73
N LYS B 210 -28.58 5.58 -32.65
CA LYS B 210 -28.98 4.34 -31.99
C LYS B 210 -28.41 3.13 -32.70
N ASN B 211 -28.19 3.23 -34.01
CA ASN B 211 -27.54 2.15 -34.76
C ASN B 211 -26.08 1.98 -34.34
N LEU B 212 -25.38 3.08 -34.08
CA LEU B 212 -23.99 2.98 -33.66
C LEU B 212 -23.86 2.41 -32.26
N GLN B 213 -24.67 2.88 -31.31
CA GLN B 213 -24.63 2.32 -29.96
C GLN B 213 -24.92 0.82 -29.98
N GLU B 214 -25.82 0.38 -30.84
CA GLU B 214 -26.20 -1.02 -30.83
C GLU B 214 -25.10 -1.93 -31.36
N ASN B 215 -24.16 -1.40 -32.15
CA ASN B 215 -23.17 -2.23 -32.83
C ASN B 215 -21.73 -1.84 -32.49
N TYR B 216 -21.51 -1.03 -31.47
CA TYR B 216 -20.17 -0.67 -31.04
C TYR B 216 -20.03 -0.95 -29.56
N LYS B 217 -18.79 -1.24 -29.15
CA LYS B 217 -18.46 -1.45 -27.76
C LYS B 217 -17.61 -0.28 -27.28
N PHE B 218 -18.03 0.36 -26.19
CA PHE B 218 -17.34 1.51 -25.63
C PHE B 218 -16.78 1.11 -24.27
N VAL B 219 -15.47 1.27 -24.09
CA VAL B 219 -14.80 0.83 -22.87
C VAL B 219 -14.00 1.98 -22.27
N ILE B 220 -13.84 1.94 -20.96
CA ILE B 220 -13.05 2.92 -20.21
C ILE B 220 -11.97 2.16 -19.44
N ALA B 221 -10.72 2.35 -19.84
CA ALA B 221 -9.60 1.80 -19.10
C ALA B 221 -9.06 2.86 -18.15
N GLY B 222 -8.91 2.49 -16.89
CA GLY B 222 -8.46 3.40 -15.86
C GLY B 222 -9.35 3.34 -14.62
N ASP B 223 -8.88 4.04 -13.59
CA ASP B 223 -9.60 4.13 -12.33
C ASP B 223 -9.35 5.50 -11.73
N GLY B 224 -10.14 5.82 -10.70
CA GLY B 224 -10.02 7.12 -10.05
C GLY B 224 -11.22 7.37 -9.15
N GLU B 225 -11.18 8.53 -8.50
CA GLU B 225 -12.21 8.90 -7.53
C GLU B 225 -13.60 8.88 -8.15
N LEU B 226 -13.72 9.26 -9.43
CA LEU B 226 -15.02 9.37 -10.07
C LEU B 226 -15.58 8.05 -10.56
N ARG B 227 -14.93 6.92 -10.24
CA ARG B 227 -15.39 5.63 -10.75
C ARG B 227 -16.87 5.41 -10.45
N GLN B 228 -17.28 5.65 -9.21
CA GLN B 228 -18.65 5.27 -8.84
C GLN B 228 -19.68 6.22 -9.44
N GLU B 229 -19.40 7.52 -9.48
CA GLU B 229 -20.34 8.44 -10.13
C GLU B 229 -20.54 8.09 -11.59
N LEU B 230 -19.45 7.70 -12.28
CA LEU B 230 -19.58 7.36 -13.70
C LEU B 230 -20.45 6.13 -13.87
N GLU B 231 -20.31 5.15 -12.99
CA GLU B 231 -21.23 4.00 -13.00
C GLU B 231 -22.68 4.45 -12.87
N TYR B 232 -22.92 5.39 -11.94
CA TYR B 232 -24.27 5.93 -11.74
C TYR B 232 -24.78 6.63 -13.00
N LYS B 233 -23.90 7.38 -13.68
CA LYS B 233 -24.32 8.16 -14.83
C LYS B 233 -24.53 7.30 -16.07
N VAL B 234 -23.87 6.14 -16.15
CA VAL B 234 -24.07 5.22 -17.27
C VAL B 234 -25.49 4.69 -17.29
N LYS B 235 -26.07 4.40 -16.12
CA LYS B 235 -27.47 3.97 -16.12
C LYS B 235 -28.43 5.13 -16.22
N SER B 236 -28.10 6.26 -15.57
CA SER B 236 -28.93 7.46 -15.72
C SER B 236 -29.08 7.84 -17.19
N LEU B 237 -28.00 7.69 -17.97
CA LEU B 237 -28.04 7.93 -19.41
C LEU B 237 -28.50 6.71 -20.20
N GLY B 238 -28.51 5.53 -19.58
CA GLY B 238 -28.94 4.30 -20.21
C GLY B 238 -28.16 3.89 -21.44
N ILE B 239 -26.83 3.81 -21.31
CA ILE B 239 -25.93 3.39 -22.38
C ILE B 239 -25.16 2.16 -21.91
N LYS B 240 -24.41 1.56 -22.84
CA LYS B 240 -23.61 0.38 -22.56
C LYS B 240 -22.13 0.75 -22.66
N VAL B 241 -21.47 0.87 -21.51
CA VAL B 241 -20.04 1.16 -21.42
C VAL B 241 -19.40 0.14 -20.49
N ASP B 242 -18.24 -0.34 -20.88
CA ASP B 242 -17.56 -1.42 -20.16
C ASP B 242 -16.40 -0.82 -19.37
N PHE B 243 -16.55 -0.78 -18.04
CA PHE B 243 -15.44 -0.39 -17.18
C PHE B 243 -14.52 -1.57 -16.95
N LEU B 244 -13.23 -1.36 -17.21
CA LEU B 244 -12.25 -2.42 -17.05
C LEU B 244 -11.30 -2.16 -15.89
N GLY B 245 -11.49 -1.07 -15.15
CA GLY B 245 -10.53 -0.70 -14.14
C GLY B 245 -9.20 -0.39 -14.79
N ARG B 246 -8.12 -0.59 -14.03
CA ARG B 246 -6.79 -0.42 -14.58
C ARG B 246 -6.41 -1.66 -15.37
N VAL B 247 -5.80 -1.44 -16.53
CA VAL B 247 -5.51 -2.51 -17.47
C VAL B 247 -4.01 -2.56 -17.69
N GLU B 248 -3.44 -3.75 -17.52
CA GLU B 248 -2.01 -3.90 -17.76
C GLU B 248 -1.75 -4.05 -19.26
N ASN B 249 -2.57 -4.83 -19.97
CA ASN B 249 -2.41 -5.07 -21.42
C ASN B 249 -3.30 -4.09 -22.19
N VAL B 250 -2.84 -2.83 -22.27
CA VAL B 250 -3.50 -1.87 -23.17
C VAL B 250 -3.12 -2.08 -24.63
N LYS B 251 -2.08 -2.86 -24.90
CA LYS B 251 -1.74 -3.21 -26.27
C LYS B 251 -2.90 -3.90 -26.97
N ALA B 252 -3.55 -4.83 -26.27
CA ALA B 252 -4.69 -5.53 -26.85
C ALA B 252 -5.80 -4.56 -27.23
N LEU B 253 -6.13 -3.61 -26.35
CA LEU B 253 -7.20 -2.67 -26.65
C LEU B 253 -6.85 -1.81 -27.86
N TYR B 254 -5.62 -1.28 -27.91
CA TYR B 254 -5.21 -0.45 -29.04
C TYR B 254 -5.22 -1.21 -30.35
N GLU B 255 -4.96 -2.52 -30.32
CA GLU B 255 -4.92 -3.28 -31.57
C GLU B 255 -6.30 -3.44 -32.19
N LYS B 256 -7.35 -3.53 -31.36
CA LYS B 256 -8.73 -3.72 -31.80
C LYS B 256 -9.48 -2.42 -32.04
N ALA B 257 -9.02 -1.32 -31.46
CA ALA B 257 -9.81 -0.10 -31.39
C ALA B 257 -9.71 0.74 -32.66
N LYS B 258 -10.82 1.38 -33.01
CA LYS B 258 -10.83 2.30 -34.15
C LYS B 258 -10.60 3.73 -33.73
N VAL B 259 -11.03 4.10 -32.52
CA VAL B 259 -11.00 5.48 -32.07
C VAL B 259 -10.61 5.51 -30.59
N LEU B 260 -9.85 6.52 -30.20
CA LEU B 260 -9.56 6.82 -28.80
C LEU B 260 -9.92 8.27 -28.55
N CYS B 261 -10.62 8.53 -27.45
CA CYS B 261 -11.09 9.87 -27.09
C CYS B 261 -10.36 10.37 -25.86
N LEU B 262 -9.83 11.59 -25.96
CA LEU B 262 -9.31 12.33 -24.83
C LEU B 262 -10.20 13.55 -24.60
N CYS B 263 -10.59 13.79 -23.34
CA CYS B 263 -11.55 14.84 -23.02
C CYS B 263 -11.03 15.81 -21.97
N SER B 264 -9.71 15.81 -21.73
CA SER B 264 -9.14 16.52 -20.60
C SER B 264 -9.22 18.04 -20.78
N PHE B 265 -9.23 18.74 -19.64
CA PHE B 265 -9.18 20.20 -19.65
C PHE B 265 -7.75 20.71 -19.76
N VAL B 266 -6.85 20.17 -18.94
CA VAL B 266 -5.44 20.57 -18.90
C VAL B 266 -4.59 19.33 -19.11
N GLU B 267 -3.60 19.42 -20.00
CA GLU B 267 -2.70 18.30 -20.23
C GLU B 267 -1.35 18.81 -20.72
N GLY B 268 -0.31 18.04 -20.43
CA GLY B 268 1.00 18.30 -20.98
C GLY B 268 1.14 17.73 -22.38
N LEU B 269 1.45 16.43 -22.44
CA LEU B 269 1.59 15.73 -23.73
C LEU B 269 1.11 14.31 -23.52
N PRO B 270 -0.20 14.06 -23.70
CA PRO B 270 -0.79 12.78 -23.28
C PRO B 270 -0.20 11.60 -24.02
N THR B 271 0.23 10.60 -23.25
CA THR B 271 0.84 9.40 -23.83
C THR B 271 -0.19 8.54 -24.56
N VAL B 272 -1.47 8.63 -24.20
CA VAL B 272 -2.48 7.88 -24.94
C VAL B 272 -2.64 8.40 -26.36
N LEU B 273 -2.44 9.71 -26.57
CA LEU B 273 -2.46 10.25 -27.92
C LEU B 273 -1.19 9.94 -28.69
N ILE B 274 -0.15 9.46 -28.03
CA ILE B 274 1.06 9.02 -28.71
C ILE B 274 1.02 7.51 -28.96
N GLU B 275 0.67 6.73 -27.95
CA GLU B 275 0.54 5.28 -28.12
C GLU B 275 -0.42 4.95 -29.27
N SER B 276 -1.50 5.73 -29.42
CA SER B 276 -2.49 5.50 -30.48
C SER B 276 -1.86 5.51 -31.88
N LEU B 277 -0.79 6.28 -32.08
CA LEU B 277 -0.20 6.42 -33.41
C LEU B 277 0.29 5.08 -33.94
N TYR B 278 0.75 4.21 -33.06
CA TYR B 278 1.37 2.96 -33.46
C TYR B 278 0.37 1.86 -33.76
N PHE B 279 -0.91 2.08 -33.47
CA PHE B 279 -1.93 1.05 -33.64
C PHE B 279 -3.03 1.48 -34.59
N GLU B 280 -2.79 2.54 -35.37
CA GLU B 280 -3.76 3.04 -36.34
C GLU B 280 -5.09 3.36 -35.67
N VAL B 281 -5.04 3.78 -34.41
CA VAL B 281 -6.21 4.23 -33.69
C VAL B 281 -6.40 5.71 -33.98
N CYS B 282 -7.62 6.09 -34.35
CA CYS B 282 -7.93 7.47 -34.65
C CYS B 282 -8.07 8.25 -33.35
N ARG B 283 -7.34 9.34 -33.24
CA ARG B 283 -7.38 10.16 -32.03
C ARG B 283 -8.38 11.29 -32.20
N ILE B 284 -9.36 11.35 -31.31
CA ILE B 284 -10.24 12.50 -31.18
C ILE B 284 -10.01 13.09 -29.79
N SER B 285 -9.69 14.37 -29.75
CA SER B 285 -9.26 15.00 -28.51
C SER B 285 -9.91 16.37 -28.36
N SER B 286 -10.19 16.74 -27.12
CA SER B 286 -10.51 18.12 -26.82
C SER B 286 -9.27 18.98 -27.04
N SER B 287 -9.50 20.27 -27.32
CA SER B 287 -8.39 21.21 -27.46
C SER B 287 -7.95 21.61 -26.05
N TYR B 288 -7.37 20.64 -25.34
CA TYR B 288 -6.99 20.80 -23.96
C TYR B 288 -6.00 21.94 -23.81
N TYR B 289 -5.86 22.44 -22.57
CA TYR B 289 -5.13 23.68 -22.41
C TYR B 289 -3.67 23.52 -22.83
N ASN B 290 -3.33 24.16 -23.94
CA ASN B 290 -1.96 24.37 -24.41
C ASN B 290 -1.35 23.06 -24.89
N GLY B 291 -1.13 22.94 -26.19
CA GLY B 291 -0.57 21.70 -26.71
C GLY B 291 -1.31 21.15 -27.90
N ALA B 292 -2.46 20.50 -27.65
CA ALA B 292 -3.40 19.99 -28.64
C ALA B 292 -2.87 19.99 -30.07
N LYS B 293 -2.69 21.19 -30.64
CA LYS B 293 -2.26 21.34 -32.02
C LYS B 293 -0.88 20.76 -32.28
N ASP B 294 -0.10 20.48 -31.24
CA ASP B 294 1.24 19.94 -31.43
C ASP B 294 1.23 18.42 -31.55
N LEU B 295 0.13 17.77 -31.18
CA LEU B 295 -0.07 16.34 -31.39
C LEU B 295 -1.04 16.03 -32.51
N ILE B 296 -2.01 16.90 -32.75
CA ILE B 296 -3.10 16.64 -33.67
C ILE B 296 -3.25 17.83 -34.60
N LYS B 297 -3.02 17.62 -35.89
CA LYS B 297 -3.43 18.55 -36.93
C LYS B 297 -4.87 18.21 -37.29
N ASP B 298 -5.80 19.03 -36.79
CA ASP B 298 -7.23 18.77 -36.95
C ASP B 298 -7.57 18.51 -38.41
N ASN B 299 -8.34 17.44 -38.63
CA ASN B 299 -8.76 16.98 -39.95
C ASN B 299 -7.62 16.49 -40.83
N HIS B 300 -6.42 16.33 -40.27
CA HIS B 300 -5.31 15.72 -41.02
C HIS B 300 -4.81 14.45 -40.37
N ASP B 301 -4.44 14.48 -39.08
CA ASP B 301 -4.00 13.29 -38.36
C ASP B 301 -4.90 12.97 -37.16
N GLY B 302 -6.03 13.66 -37.04
CA GLY B 302 -6.91 13.51 -35.91
C GLY B 302 -8.00 14.55 -35.95
N LEU B 303 -8.85 14.54 -34.92
CA LEU B 303 -9.99 15.43 -34.83
C LEU B 303 -9.99 16.12 -33.47
N LEU B 304 -10.16 17.44 -33.48
CA LEU B 304 -10.20 18.24 -32.27
C LEU B 304 -11.63 18.69 -32.00
N VAL B 305 -11.95 18.85 -30.72
CA VAL B 305 -13.26 19.30 -30.26
C VAL B 305 -13.05 20.33 -29.15
N GLY B 306 -14.08 21.13 -28.91
CA GLY B 306 -14.06 22.04 -27.78
C GLY B 306 -13.86 21.30 -26.46
N CYS B 307 -13.47 22.05 -25.43
CA CYS B 307 -12.97 21.39 -24.22
C CYS B 307 -14.05 20.72 -23.38
N ASP B 308 -15.30 21.16 -23.49
CA ASP B 308 -16.38 20.50 -22.74
C ASP B 308 -17.57 20.21 -23.64
N ASP B 309 -17.32 20.03 -24.93
CA ASP B 309 -18.37 19.92 -25.94
C ASP B 309 -18.72 18.45 -26.18
N GLU B 310 -19.69 17.94 -25.40
CA GLU B 310 -20.13 16.56 -25.59
C GLU B 310 -20.78 16.35 -26.96
N ILE B 311 -21.44 17.39 -27.50
CA ILE B 311 -22.16 17.23 -28.76
C ILE B 311 -21.20 17.22 -29.95
N ALA B 312 -20.19 18.10 -29.92
CA ALA B 312 -19.19 18.11 -30.99
C ALA B 312 -18.40 16.81 -31.03
N LEU B 313 -18.17 16.19 -29.88
CA LEU B 313 -17.51 14.89 -29.86
C LEU B 313 -18.38 13.82 -30.50
N ALA B 314 -19.70 13.94 -30.34
CA ALA B 314 -20.60 12.96 -30.95
C ALA B 314 -20.58 13.07 -32.47
N LYS B 315 -20.61 14.31 -33.00
CA LYS B 315 -20.53 14.48 -34.45
C LYS B 315 -19.18 14.04 -34.99
N LYS B 316 -18.09 14.34 -34.28
CA LYS B 316 -16.78 13.86 -34.70
C LYS B 316 -16.72 12.34 -34.66
N LEU B 317 -17.30 11.75 -33.61
CA LEU B 317 -17.35 10.31 -33.50
C LEU B 317 -18.10 9.68 -34.69
N GLU B 318 -19.28 10.21 -35.02
CA GLU B 318 -20.00 9.68 -36.17
C GLU B 318 -19.26 9.92 -37.47
N LEU B 319 -18.45 10.98 -37.54
CA LEU B 319 -17.69 11.26 -38.75
C LEU B 319 -16.80 10.09 -39.12
N VAL B 320 -16.00 9.61 -38.16
CA VAL B 320 -15.03 8.55 -38.45
C VAL B 320 -15.67 7.18 -38.47
N LEU B 321 -16.63 6.93 -37.58
CA LEU B 321 -17.23 5.60 -37.54
C LEU B 321 -18.22 5.36 -38.67
N ASN B 322 -18.60 6.38 -39.43
CA ASN B 322 -19.40 6.21 -40.62
C ASN B 322 -18.61 6.46 -41.90
N ASP B 323 -17.27 6.52 -41.82
CA ASP B 323 -16.43 6.80 -42.99
C ASP B 323 -15.05 6.16 -42.75
N GLU B 324 -14.94 4.87 -43.08
CA GLU B 324 -13.69 4.17 -42.82
C GLU B 324 -12.54 4.73 -43.66
N ASN B 325 -12.82 5.15 -44.91
CA ASN B 325 -11.75 5.68 -45.74
C ASN B 325 -11.21 7.00 -45.20
N PHE B 326 -12.05 7.77 -44.50
CA PHE B 326 -11.59 9.02 -43.92
C PHE B 326 -10.87 8.79 -42.60
N ARG B 327 -11.36 7.85 -41.78
CA ARG B 327 -10.62 7.48 -40.59
C ARG B 327 -9.29 6.85 -40.97
N LYS B 328 -9.27 6.04 -42.02
CA LYS B 328 -8.04 5.42 -42.48
C LYS B 328 -7.03 6.47 -42.93
N GLU B 329 -7.47 7.47 -43.68
CA GLU B 329 -6.55 8.50 -44.14
C GLU B 329 -6.04 9.37 -42.98
N LEU B 330 -6.92 9.71 -42.03
CA LEU B 330 -6.46 10.36 -40.80
C LEU B 330 -5.35 9.56 -40.13
N VAL B 331 -5.50 8.24 -40.13
CA VAL B 331 -4.61 7.36 -39.39
C VAL B 331 -3.30 7.10 -40.15
N ASN B 332 -3.36 7.06 -41.48
CA ASN B 332 -2.12 6.90 -42.24
C ASN B 332 -1.26 8.15 -42.19
N ASN B 333 -1.88 9.32 -42.08
CA ASN B 333 -1.12 10.55 -41.86
C ASN B 333 -0.54 10.59 -40.46
N ALA B 334 -1.28 10.06 -39.48
CA ALA B 334 -0.80 10.09 -38.10
C ALA B 334 0.49 9.31 -37.93
N LYS B 335 0.67 8.24 -38.71
CA LYS B 335 1.88 7.43 -38.60
C LYS B 335 3.13 8.22 -38.93
N GLN B 336 3.01 9.34 -39.64
CA GLN B 336 4.16 10.19 -39.92
C GLN B 336 4.80 10.70 -38.62
N ARG B 337 4.00 10.94 -37.57
CA ARG B 337 4.48 11.44 -36.29
C ARG B 337 5.13 10.36 -35.43
N CYS B 338 5.15 9.09 -35.88
CA CYS B 338 5.72 8.02 -35.08
C CYS B 338 7.21 8.26 -34.79
N LYS B 339 7.94 8.76 -35.79
CA LYS B 339 9.38 9.00 -35.62
C LYS B 339 9.67 9.95 -34.46
N ASP B 340 8.71 10.82 -34.11
CA ASP B 340 8.99 11.82 -33.08
C ASP B 340 9.07 11.21 -31.68
N PHE B 341 8.58 9.99 -31.47
CA PHE B 341 8.47 9.44 -30.12
C PHE B 341 9.13 8.06 -29.98
N GLU B 342 10.00 7.67 -30.91
CA GLU B 342 10.65 6.36 -30.78
C GLU B 342 11.71 6.42 -29.70
N ILE B 343 11.83 5.35 -28.91
CA ILE B 343 12.68 5.38 -27.73
C ILE B 343 14.12 5.70 -28.12
N SER B 344 14.60 5.09 -29.19
CA SER B 344 16.03 5.19 -29.50
C SER B 344 16.45 6.64 -29.70
N ASN B 345 15.60 7.45 -30.35
CA ASN B 345 15.98 8.85 -30.57
C ASN B 345 15.81 9.68 -29.29
N ILE B 346 14.77 9.42 -28.50
CA ILE B 346 14.54 10.20 -27.29
C ILE B 346 15.50 9.77 -26.18
N LYS B 347 15.86 8.48 -26.12
CA LYS B 347 16.80 8.03 -25.10
C LYS B 347 18.13 8.75 -25.22
N GLU B 348 18.62 8.94 -26.44
CA GLU B 348 19.89 9.65 -26.63
C GLU B 348 19.73 11.15 -26.46
N GLU B 349 18.50 11.67 -26.48
CA GLU B 349 18.28 13.08 -26.21
C GLU B 349 18.35 13.36 -24.70
N TRP B 350 17.97 12.37 -23.88
CA TRP B 350 18.25 12.44 -22.45
C TRP B 350 19.73 12.28 -22.16
N LEU B 351 20.41 11.38 -22.88
CA LEU B 351 21.83 11.15 -22.63
C LEU B 351 22.68 12.36 -23.01
N LYS B 352 22.30 13.08 -24.08
CA LYS B 352 22.99 14.34 -24.38
C LYS B 352 22.77 15.36 -23.28
N LEU B 353 21.54 15.44 -22.75
CA LEU B 353 21.27 16.36 -21.66
C LEU B 353 22.09 16.00 -20.43
N ILE B 354 22.30 14.70 -20.18
CA ILE B 354 23.00 14.27 -18.98
C ILE B 354 24.49 14.62 -19.05
N VAL B 355 25.14 14.37 -20.19
CA VAL B 355 26.56 14.70 -20.29
C VAL B 355 26.77 16.21 -20.28
N GLU B 356 25.78 16.97 -20.74
CA GLU B 356 25.89 18.43 -20.69
C GLU B 356 25.80 18.93 -19.25
N VAL B 357 24.93 18.33 -18.45
CA VAL B 357 24.75 18.79 -17.08
C VAL B 357 25.92 18.37 -16.21
N LYS B 358 26.45 17.15 -16.42
CA LYS B 358 27.58 16.69 -15.64
C LYS B 358 28.87 17.45 -15.94
N ASN B 359 28.85 18.38 -16.90
CA ASN B 359 29.95 19.31 -17.13
C ASN B 359 29.63 20.61 -16.39
N ALA B 360 29.77 20.56 -15.07
CA ALA B 360 29.44 21.69 -14.24
C ALA B 360 30.66 22.59 -14.03
C1 NDG C . 3.12 -11.38 3.17
C2 NDG C . 2.49 -10.96 4.44
C3 NDG C . 3.23 -11.29 5.68
C4 NDG C . 3.88 -12.60 5.68
C5 NDG C . 4.53 -13.06 4.34
C6 NDG C . 4.89 -14.43 4.38
C7 NDG C . 0.82 -8.99 4.40
C8 NDG C . -0.33 -9.98 4.40
O5 NDG C . 3.52 -12.79 3.21
O3 NDG C . 2.12 -11.48 6.69
O4 NDG C . 4.94 -12.52 6.64
O6 NDG C . 3.76 -15.26 4.38
O7 NDG C . 0.59 -7.83 4.38
N2 NDG C . 2.20 -9.46 4.42
O5 A2G C . 1.50 -9.97 8.29
C1 A2G C . 2.40 -11.11 7.98
C2 A2G C . 2.00 -12.27 8.90
N2 A2G C . 2.87 -13.47 8.69
C3 A2G C . 0.61 -12.67 8.66
O3 A2G C . 0.32 -13.82 9.52
C4 A2G C . -0.29 -11.55 8.99
O4 A2G C . -0.07 -11.23 10.37
C5 A2G C . 0.09 -10.36 8.10
C6 A2G C . -0.80 -9.17 8.36
O6 A2G C . -0.07 -8.02 8.03
C7 A2G C . 4.20 -13.50 9.35
O7 A2G C . 4.56 -12.59 10.01
C8 A2G C . 5.11 -14.74 9.15
O5 A2G C . -1.79 -12.44 11.50
C1 A2G C . -1.27 -11.12 11.11
C2 A2G C . -0.96 -10.26 12.30
N2 A2G C . -0.28 -8.99 11.83
C3 A2G C . -0.10 -10.94 13.26
O3 A2G C . 0.05 -10.07 14.45
C4 A2G C . -0.63 -12.24 13.72
O4 A2G C . -1.84 -12.01 14.44
C5 A2G C . -0.95 -13.20 12.54
C6 A2G C . -1.70 -14.29 13.05
O6 A2G C . -1.46 -15.40 12.24
C7 A2G C . -1.06 -7.77 11.60
O7 A2G C . -2.24 -7.77 11.78
C8 A2G C . -0.36 -6.49 11.13
C1 NDG D . -0.31 11.45 -2.35
C2 NDG D . -0.53 10.95 -3.75
C3 NDG D . 0.63 10.97 -4.67
C4 NDG D . 1.58 12.09 -4.48
C5 NDG D . 1.75 12.65 -3.04
C6 NDG D . 2.33 13.93 -3.08
C7 NDG D . -2.48 9.40 -4.40
C8 NDG D . -3.20 10.59 -5.01
O5 NDG D . 0.35 12.75 -2.40
O3 NDG D . 0.02 11.31 -6.00
O4 NDG D . 2.86 11.59 -4.87
O6 NDG D . 1.73 14.68 -4.09
O7 NDG D . -3.00 8.33 -4.42
N2 NDG D . -1.17 9.56 -3.77
O5 A2G D . -0.25 10.00 -7.85
C1 A2G D . 0.70 10.89 -7.13
C2 A2G D . 1.06 12.06 -8.07
N2 A2G D . 2.01 13.05 -7.46
C3 A2G D . -0.12 12.80 -8.56
O3 A2G D . 0.31 13.83 -9.52
C4 A2G D . -1.06 11.89 -9.25
O4 A2G D . -0.33 11.36 -10.39
C5 A2G D . -1.43 10.78 -8.28
C6 A2G D . -2.46 9.87 -8.88
O6 A2G D . -2.67 8.83 -7.96
C7 A2G D . 3.45 12.89 -7.71
O7 A2G D . 3.83 11.99 -8.36
C8 A2G D . 4.47 13.90 -7.12
O5 A2G D . -1.02 13.03 -11.93
C1 A2G D . -1.02 11.60 -11.60
C2 A2G D . -0.46 10.71 -12.67
N2 A2G D . -0.25 9.30 -12.08
C3 A2G D . 0.79 11.22 -13.24
O3 A2G D . 1.20 10.37 -14.37
C4 A2G D . 0.67 12.61 -13.75
O4 A2G D . -0.30 12.63 -14.79
C5 A2G D . 0.22 13.61 -12.64
C6 A2G D . -0.11 14.84 -13.24
O6 A2G D . 1.05 15.49 -13.66
C7 A2G D . -1.38 8.35 -11.98
O7 A2G D . -2.47 8.67 -12.34
C8 A2G D . -1.15 6.95 -11.40
N1 UDP E . -3.79 -2.61 17.59
C2 UDP E . -3.44 -1.28 17.66
N3 UDP E . -4.03 -0.36 16.84
C4 UDP E . -4.96 -0.76 15.93
C5 UDP E . -5.32 -2.09 15.86
C6 UDP E . -4.73 -3.01 16.70
O2 UDP E . -2.59 -0.90 18.47
O4 UDP E . -5.48 0.08 15.21
C1' UDP E . -3.17 -3.54 18.47
C2' UDP E . -4.08 -3.84 19.62
O2' UDP E . -3.83 -2.92 20.72
C3' UDP E . -3.69 -5.18 20.04
C4' UDP E . -3.19 -5.86 18.84
O4' UDP E . -2.91 -4.82 17.83
O3' UDP E . -2.63 -5.07 21.03
C5' UDP E . -4.21 -6.81 18.33
O5' UDP E . -3.77 -8.11 18.59
PA UDP E . -4.77 -9.30 18.80
O1A UDP E . -6.19 -8.90 18.45
O2A UDP E . -4.75 -9.75 20.24
O3A UDP E . -4.26 -10.54 17.94
PB UDP E . -4.19 -10.52 16.35
O1B UDP E . -3.07 -9.60 15.90
O2B UDP E . -5.50 -9.99 15.82
O3B UDP E . -3.98 -11.93 15.84
NA NA F . 3.81 -11.23 -1.74
NA NA G . -4.40 -13.76 18.68
CL CL H . -1.26 -13.23 18.34
O34 BUE I . 4.26 -10.61 2.79
P35 BUE I . 5.01 -10.98 1.35
O36 BUE I . 4.72 -9.96 0.33
O37 BUE I . 4.35 -12.10 0.68
O38 BUE I . 6.68 -11.21 1.52
P39 BUE I . 7.58 -12.65 1.70
O40 BUE I . 7.15 -13.72 0.81
O41 BUE I . 8.95 -12.49 1.22
O42 BUE I . 7.54 -13.15 3.29
C43 BUE I . 8.71 -13.20 4.04
C44 BUE I . 9.30 -14.58 3.85
N1 UDP J . -2.61 3.30 -18.65
C2 UDP J . -2.55 1.92 -18.54
N3 UDP J . -3.61 1.23 -18.02
C4 UDP J . -4.73 1.90 -17.62
C5 UDP J . -4.80 3.27 -17.72
C6 UDP J . -3.73 3.96 -18.24
O2 UDP J . -1.54 1.31 -18.90
O4 UDP J . -5.68 1.29 -17.15
C1' UDP J . -1.53 4.03 -19.18
C2' UDP J . -1.85 4.51 -20.54
O2' UDP J . -1.54 3.48 -21.51
C3' UDP J . -0.95 5.65 -20.70
C4' UDP J . -0.81 6.25 -19.36
O4' UDP J . -1.30 5.23 -18.40
O3' UDP J . 0.34 5.16 -21.14
C5' UDP J . -1.64 7.48 -19.26
O5' UDP J . -0.81 8.60 -19.42
PA UDP J . -1.37 9.93 -20.02
O1A UDP J . -0.57 10.29 -21.24
O2A UDP J . -2.82 9.77 -20.44
O3A UDP J . -1.21 11.15 -19.00
PB UDP J . -1.67 11.09 -17.47
O1B UDP J . -1.75 12.51 -16.93
O2B UDP J . -3.03 10.44 -17.38
O3B UDP J . -0.71 10.29 -16.65
NA NA K . -5.07 9.32 -19.72
NA NA L . -0.36 11.88 2.95
O34 BUE M . 0.29 12.52 0.30
P35 BUE M . 0.79 11.16 0.05
O36 BUE M . 0.49 10.63 -1.52
O37 BUE M . -0.06 10.44 1.00
O38 BUE M . 2.41 11.03 0.49
P39 BUE M . 3.50 12.24 0.97
O40 BUE M . 3.96 12.02 2.35
O41 BUE M . 2.91 13.56 1.11
O42 BUE M . 4.79 12.25 -0.09
C43 BUE M . 5.04 13.36 -0.89
C44 BUE M . 5.59 12.85 -2.21
#